data_8OQ5
#
_entry.id   8OQ5
#
_cell.length_a   1.00
_cell.length_b   1.00
_cell.length_c   1.00
_cell.angle_alpha   90.00
_cell.angle_beta   90.00
_cell.angle_gamma   90.00
#
_symmetry.space_group_name_H-M   'P 1'
#
_entity_poly.entity_id   1
_entity_poly.type   'polypeptide(L)'
_entity_poly.pdbx_seq_one_letter_code
;QADGQDMQSLFTQYFQSMTEYGKDLVEKAKTSEIQSQAKAYFEKTHEQLTPLVRSAGTSLVNFFSSLMNLEEKPAPAA
;
_entity_poly.pdbx_strand_id   A,B,C,D,E,F,G,H,I,L,M,N
#
# COMPACT_ATOMS: atom_id res chain seq x y z
N GLY A 4 9.03 -25.24 -1.05
CA GLY A 4 10.10 -24.23 -0.96
C GLY A 4 9.63 -22.89 -1.49
N GLN A 5 10.45 -22.23 -2.32
CA GLN A 5 10.11 -20.88 -2.83
C GLN A 5 9.89 -20.96 -4.33
N ASP A 6 8.77 -20.40 -4.79
CA ASP A 6 8.42 -20.44 -6.24
C ASP A 6 7.96 -19.07 -6.69
N MET A 7 8.72 -18.40 -7.56
CA MET A 7 8.29 -17.08 -8.12
C MET A 7 8.19 -17.21 -9.63
N GLN A 8 6.95 -17.28 -10.16
CA GLN A 8 6.73 -17.32 -11.63
C GLN A 8 5.78 -16.17 -11.94
N SER A 9 6.30 -14.93 -11.98
CA SER A 9 5.39 -13.75 -12.09
C SER A 9 5.79 -12.77 -13.21
N LEU A 10 4.84 -11.98 -13.71
CA LEU A 10 5.22 -10.92 -14.68
C LEU A 10 5.73 -9.75 -13.83
N PHE A 11 7.03 -9.71 -13.56
CA PHE A 11 7.59 -8.70 -12.62
C PHE A 11 8.26 -7.51 -13.33
N THR A 12 7.54 -6.42 -13.62
CA THR A 12 8.11 -5.15 -14.16
C THR A 12 8.30 -4.23 -12.96
N GLN A 13 9.38 -3.44 -12.94
CA GLN A 13 9.62 -2.40 -11.90
C GLN A 13 10.32 -1.25 -12.62
N TYR A 14 9.66 -0.11 -12.82
CA TYR A 14 10.22 1.09 -13.50
C TYR A 14 10.79 2.03 -12.45
N PHE A 15 11.93 2.69 -12.69
CA PHE A 15 12.48 3.74 -11.79
C PHE A 15 12.95 4.91 -12.67
N GLN A 16 12.50 6.15 -12.46
CA GLN A 16 12.98 7.36 -13.21
C GLN A 16 13.04 7.06 -14.70
N SER A 17 12.04 6.36 -15.26
CA SER A 17 12.11 5.86 -16.66
C SER A 17 10.93 6.34 -17.50
N MET A 18 11.02 6.28 -18.83
CA MET A 18 9.93 6.63 -19.79
C MET A 18 9.72 5.42 -20.69
N THR A 19 8.51 4.84 -20.75
CA THR A 19 8.32 3.58 -21.51
C THR A 19 7.02 3.63 -22.32
N GLU A 20 7.08 3.52 -23.64
CA GLU A 20 5.87 3.43 -24.50
C GLU A 20 5.85 1.96 -24.93
N TYR A 21 4.71 1.25 -24.90
CA TYR A 21 4.70 -0.14 -25.45
C TYR A 21 3.30 -0.63 -25.82
N GLY A 22 3.16 -1.71 -26.57
CA GLY A 22 1.82 -2.27 -26.86
C GLY A 22 0.88 -1.20 -27.41
N LYS A 23 1.25 -0.59 -28.55
CA LYS A 23 0.44 0.52 -29.10
C LYS A 23 0.10 0.27 -30.57
N ASP A 24 -1.15 -0.12 -30.87
CA ASP A 24 -1.58 -0.31 -32.29
C ASP A 24 -2.10 1.04 -32.79
N LEU A 25 -1.44 1.63 -33.79
CA LEU A 25 -1.85 3.00 -34.22
C LEU A 25 -2.17 3.04 -35.72
N VAL A 26 -3.43 3.33 -36.08
CA VAL A 26 -3.77 3.52 -37.53
C VAL A 26 -3.88 5.01 -37.82
N GLU A 27 -3.23 5.50 -38.87
CA GLU A 27 -3.46 6.92 -39.23
C GLU A 27 -4.49 6.99 -40.37
N LYS A 28 -4.37 6.16 -41.41
CA LYS A 28 -5.31 6.24 -42.56
C LYS A 28 -5.77 4.83 -42.93
N ALA A 29 -7.09 4.62 -43.09
CA ALA A 29 -7.57 3.29 -43.51
C ALA A 29 -8.67 3.47 -44.56
N LYS A 30 -8.68 2.62 -45.59
CA LYS A 30 -9.75 2.67 -46.62
C LYS A 30 -9.96 1.26 -47.16
N THR A 31 -11.19 0.73 -47.08
CA THR A 31 -11.49 -0.62 -47.64
C THR A 31 -10.42 -1.61 -47.13
N SER A 32 -9.90 -1.46 -45.90
CA SER A 32 -8.81 -2.32 -45.36
C SER A 32 -9.25 -3.00 -44.07
N GLU A 33 -8.62 -4.10 -43.64
CA GLU A 33 -8.90 -4.80 -42.34
C GLU A 33 -7.60 -4.67 -41.53
N ILE A 34 -7.44 -3.69 -40.61
CA ILE A 34 -6.11 -3.38 -39.96
C ILE A 34 -5.98 -3.76 -38.48
N GLN A 35 -5.12 -4.73 -38.13
CA GLN A 35 -4.82 -5.13 -36.72
C GLN A 35 -6.04 -5.80 -36.05
N SER A 36 -6.71 -6.73 -36.73
CA SER A 36 -7.96 -7.31 -36.15
C SER A 36 -7.72 -8.70 -35.53
N GLN A 37 -7.77 -8.80 -34.19
CA GLN A 37 -7.67 -10.14 -33.52
C GLN A 37 -9.02 -10.80 -33.77
N ALA A 38 -9.09 -12.00 -34.33
CA ALA A 38 -10.34 -12.66 -34.78
C ALA A 38 -10.18 -14.18 -34.73
N LYS A 39 -11.28 -14.95 -34.78
CA LYS A 39 -11.28 -16.44 -34.75
C LYS A 39 -12.09 -17.04 -35.90
N ALA A 40 -12.98 -16.28 -36.56
CA ALA A 40 -13.68 -16.74 -37.81
C ALA A 40 -14.42 -18.08 -37.67
N TYR A 41 -14.16 -19.09 -38.51
CA TYR A 41 -15.18 -20.12 -38.83
C TYR A 41 -14.78 -21.53 -38.29
N PHE A 42 -15.10 -21.92 -37.06
CA PHE A 42 -14.63 -23.21 -36.51
C PHE A 42 -15.76 -24.24 -36.60
N GLU A 43 -15.46 -25.50 -36.89
CA GLU A 43 -16.48 -26.57 -36.96
C GLU A 43 -15.96 -27.74 -36.11
N LYS A 44 -16.67 -28.20 -35.09
CA LYS A 44 -16.29 -29.39 -34.26
C LYS A 44 -14.86 -29.27 -33.73
N THR A 45 -14.45 -28.07 -33.30
CA THR A 45 -13.05 -27.87 -32.83
C THR A 45 -12.96 -28.10 -31.32
N HIS A 46 -11.79 -28.51 -30.83
CA HIS A 46 -11.60 -28.81 -29.39
C HIS A 46 -10.37 -28.06 -28.88
N GLU A 47 -10.55 -26.79 -28.48
CA GLU A 47 -9.41 -25.97 -27.99
C GLU A 47 -9.38 -26.03 -26.45
N GLN A 48 -8.19 -26.26 -25.86
CA GLN A 48 -8.17 -26.41 -24.37
C GLN A 48 -7.58 -25.15 -23.72
N LEU A 49 -6.40 -24.67 -24.14
CA LEU A 49 -5.75 -23.46 -23.55
C LEU A 49 -5.13 -22.66 -24.68
N THR A 50 -5.86 -21.76 -25.34
CA THR A 50 -5.39 -21.05 -26.57
C THR A 50 -5.48 -19.52 -26.41
N PRO A 51 -4.64 -18.85 -25.58
CA PRO A 51 -4.71 -17.39 -25.41
C PRO A 51 -4.28 -16.62 -26.68
N LEU A 52 -5.21 -15.90 -27.32
CA LEU A 52 -4.95 -15.01 -28.50
C LEU A 52 -4.83 -13.59 -27.91
N VAL A 53 -3.64 -13.13 -27.56
CA VAL A 53 -3.41 -11.86 -26.77
C VAL A 53 -2.70 -10.80 -27.65
N ARG A 54 -2.94 -9.49 -27.43
CA ARG A 54 -2.34 -8.40 -28.28
C ARG A 54 -2.27 -7.02 -27.59
N SER A 55 -1.37 -6.11 -28.01
CA SER A 55 -1.32 -4.67 -27.57
C SER A 55 -1.19 -4.51 -26.03
N ALA A 56 -0.10 -5.02 -25.43
CA ALA A 56 0.15 -4.89 -23.96
C ALA A 56 -0.94 -5.62 -23.16
N GLY A 57 -1.77 -6.48 -23.78
CA GLY A 57 -2.75 -7.30 -23.03
C GLY A 57 -1.99 -8.32 -22.20
N THR A 58 -2.61 -9.03 -21.25
CA THR A 58 -1.95 -10.10 -20.46
C THR A 58 -2.89 -11.28 -20.22
N SER A 59 -2.36 -12.50 -20.04
CA SER A 59 -3.20 -13.67 -19.71
C SER A 59 -2.41 -14.59 -18.79
N LEU A 60 -2.67 -14.51 -17.49
CA LEU A 60 -1.91 -15.34 -16.52
C LEU A 60 -2.82 -16.45 -16.02
N VAL A 61 -2.46 -17.70 -16.33
CA VAL A 61 -3.27 -18.85 -15.84
C VAL A 61 -2.41 -19.60 -14.83
N ASN A 62 -2.87 -19.69 -13.59
CA ASN A 62 -2.14 -20.39 -12.51
C ASN A 62 -3.02 -21.59 -12.16
N PHE A 63 -2.74 -22.75 -12.76
CA PHE A 63 -3.43 -24.04 -12.43
C PHE A 63 -2.51 -24.77 -11.43
N PHE A 64 -3.00 -24.99 -10.20
CA PHE A 64 -2.22 -25.69 -9.17
C PHE A 64 -3.00 -26.93 -8.73
N SER A 65 -2.44 -28.13 -8.94
CA SER A 65 -3.18 -29.39 -8.62
C SER A 65 -4.59 -29.28 -9.21
N SER A 66 -4.70 -28.67 -10.39
CA SER A 66 -6.02 -28.38 -11.02
C SER A 66 -6.16 -29.22 -12.29
N LEU A 67 -7.11 -30.16 -12.33
CA LEU A 67 -7.36 -30.97 -13.56
C LEU A 67 -8.20 -30.10 -14.52
N MET A 68 -8.09 -30.33 -15.84
CA MET A 68 -8.88 -29.64 -16.91
C MET A 68 -9.22 -30.76 -17.90
N ASN A 69 -10.30 -31.52 -17.69
CA ASN A 69 -10.54 -32.82 -18.38
C ASN A 69 -11.68 -32.64 -19.37
N LEU A 70 -11.36 -32.65 -20.66
CA LEU A 70 -12.45 -32.63 -21.68
C LEU A 70 -12.51 -34.04 -22.26
N GLU A 71 -13.67 -34.68 -22.23
CA GLU A 71 -13.77 -36.08 -22.70
C GLU A 71 -14.95 -36.19 -23.67
N GLY B 4 13.47 18.24 -12.16
CA GLY B 4 13.37 16.93 -12.82
C GLY B 4 13.03 15.84 -11.83
N GLN B 5 13.72 14.69 -11.90
CA GLN B 5 13.40 13.56 -11.02
C GLN B 5 14.56 13.31 -10.07
N ASP B 6 14.28 13.20 -8.77
CA ASP B 6 15.35 13.00 -7.77
C ASP B 6 14.92 11.90 -6.79
N MET B 7 15.62 10.76 -6.79
CA MET B 7 15.33 9.66 -5.83
C MET B 7 16.57 9.42 -4.98
N GLN B 8 16.57 9.88 -3.73
CA GLN B 8 17.70 9.63 -2.79
C GLN B 8 17.09 8.96 -1.56
N SER B 9 16.76 7.67 -1.64
CA SER B 9 16.00 7.01 -0.55
C SER B 9 16.61 5.71 -0.04
N LEU B 10 16.31 5.31 1.20
CA LEU B 10 16.77 3.97 1.66
C LEU B 10 15.75 2.96 1.10
N PHE B 11 16.01 2.44 -0.10
CA PHE B 11 15.00 1.57 -0.79
C PHE B 11 15.30 0.07 -0.65
N THR B 12 14.79 -0.63 0.37
CA THR B 12 14.87 -2.11 0.50
C THR B 12 13.56 -2.67 -0.05
N GLN B 13 13.61 -3.80 -0.74
CA GLN B 13 12.39 -4.54 -1.20
C GLN B 13 12.73 -6.02 -1.12
N TYR B 14 12.13 -6.76 -0.18
CA TYR B 14 12.37 -8.21 0.03
C TYR B 14 11.30 -9.00 -0.75
N PHE B 15 11.64 -10.13 -1.39
CA PHE B 15 10.64 -11.03 -2.03
C PHE B 15 11.01 -12.47 -1.66
N GLN B 16 10.13 -13.29 -1.08
CA GLN B 16 10.38 -14.73 -0.78
C GLN B 16 11.75 -14.89 -0.14
N SER B 17 12.14 -14.02 0.79
CA SER B 17 13.53 -13.98 1.33
C SER B 17 13.55 -14.10 2.85
N MET B 18 14.70 -14.44 3.45
CA MET B 18 14.89 -14.53 4.93
C MET B 18 16.10 -13.63 5.26
N THR B 19 15.95 -12.62 6.13
CA THR B 19 17.06 -11.66 6.36
C THR B 19 17.21 -11.35 7.85
N GLU B 20 18.35 -11.63 8.46
CA GLU B 20 18.64 -11.25 9.87
C GLU B 20 19.62 -10.10 9.73
N TYR B 21 19.49 -8.99 10.47
CA TYR B 21 20.54 -7.93 10.41
C TYR B 21 20.53 -7.00 11.62
N GLY B 22 21.57 -6.20 11.84
CA GLY B 22 21.56 -5.22 12.94
C GLY B 22 21.18 -5.88 14.27
N LYS B 23 21.97 -6.86 14.71
CA LYS B 23 21.61 -7.60 15.95
C LYS B 23 22.80 -7.64 16.91
N ASP B 24 22.75 -6.84 17.99
CA ASP B 24 23.81 -6.86 19.02
C ASP B 24 23.43 -7.93 20.06
N LEU B 25 24.22 -8.99 20.20
CA LEU B 25 23.81 -10.11 21.09
C LEU B 25 24.89 -10.40 22.14
N VAL B 26 24.58 -10.19 23.43
CA VAL B 26 25.54 -10.59 24.52
C VAL B 26 25.07 -11.90 25.12
N GLU B 27 25.96 -12.88 25.27
CA GLU B 27 25.54 -14.11 26.01
C GLU B 27 26.05 -14.02 27.45
N LYS B 28 27.31 -13.64 27.68
CA LYS B 28 27.85 -13.59 29.06
C LYS B 28 28.61 -12.28 29.27
N ALA B 29 28.33 -11.57 30.37
CA ALA B 29 29.09 -10.34 30.66
C ALA B 29 29.45 -10.28 32.14
N LYS B 30 30.65 -9.82 32.47
CA LYS B 30 31.07 -9.68 33.88
C LYS B 30 32.05 -8.51 33.96
N THR B 31 31.76 -7.50 34.80
CA THR B 31 32.69 -6.36 34.99
C THR B 31 33.12 -5.84 33.61
N SER B 32 32.26 -5.85 32.58
CA SER B 32 32.61 -5.47 31.18
C SER B 32 31.69 -4.33 30.70
N GLU B 33 32.08 -3.55 29.69
CA GLU B 33 31.23 -2.48 29.06
C GLU B 33 30.99 -2.95 27.62
N ILE B 34 29.87 -3.62 27.26
CA ILE B 34 29.72 -4.29 25.93
C ILE B 34 28.72 -3.63 24.95
N GLN B 35 29.20 -3.08 23.81
CA GLN B 35 28.33 -2.48 22.75
C GLN B 35 27.64 -1.20 23.22
N SER B 36 28.35 -0.29 23.89
CA SER B 36 27.67 0.91 24.46
C SER B 36 27.87 2.16 23.58
N GLN B 37 26.81 2.63 22.90
CA GLN B 37 26.89 3.90 22.13
C GLN B 37 26.88 5.01 23.20
N ALA B 38 27.84 5.92 23.24
CA ALA B 38 28.02 6.91 24.33
C ALA B 38 28.72 8.16 23.78
N LYS B 39 28.69 9.28 24.50
CA LYS B 39 29.33 10.57 24.11
C LYS B 39 30.22 11.15 25.22
N ALA B 40 30.10 10.71 26.48
CA ALA B 40 31.04 11.06 27.58
C ALA B 40 31.24 12.58 27.77
N TYR B 41 32.47 13.11 27.74
CA TYR B 41 32.81 14.36 28.47
C TYR B 41 33.15 15.52 27.50
N PHE B 42 32.19 16.34 27.03
CA PHE B 42 32.50 17.39 26.03
C PHE B 42 32.61 18.74 26.74
N GLU B 43 33.51 19.61 26.32
CA GLU B 43 33.67 20.97 26.92
C GLU B 43 33.69 21.95 25.75
N LYS B 44 32.79 22.94 25.67
CA LYS B 44 32.79 24.02 24.66
C LYS B 44 32.84 23.43 23.24
N THR B 45 32.13 22.33 22.98
CA THR B 45 32.17 21.68 21.65
C THR B 45 31.08 22.24 20.73
N HIS B 46 31.31 22.21 19.41
CA HIS B 46 30.35 22.77 18.44
C HIS B 46 30.06 21.72 17.35
N GLU B 47 29.11 20.83 17.62
CA GLU B 47 28.76 19.76 16.65
C GLU B 47 27.56 20.20 15.81
N GLN B 48 27.61 20.03 14.48
CA GLN B 48 26.49 20.55 13.65
C GLN B 48 25.62 19.38 13.15
N LEU B 49 26.19 18.34 12.53
CA LEU B 49 25.41 17.17 12.01
C LEU B 49 26.22 15.90 12.29
N THR B 50 26.07 15.28 13.45
CA THR B 50 26.95 14.14 13.90
C THR B 50 26.10 12.91 14.27
N PRO B 51 25.45 12.18 13.33
CA PRO B 51 24.63 11.01 13.66
C PRO B 51 25.47 9.83 14.17
N LEU B 52 25.33 9.43 15.44
CA LEU B 52 26.00 8.24 16.07
C LEU B 52 24.93 7.14 16.03
N VAL B 53 24.89 6.31 14.98
CA VAL B 53 23.77 5.33 14.71
C VAL B 53 24.28 3.88 14.88
N ARG B 54 23.44 2.90 15.29
CA ARG B 54 23.85 1.49 15.51
C ARG B 54 22.72 0.45 15.45
N SER B 55 22.99 -0.83 15.16
CA SER B 55 22.00 -1.97 15.26
C SER B 55 20.74 -1.76 14.40
N ALA B 56 20.89 -1.64 13.07
CA ALA B 56 19.73 -1.46 12.14
C ALA B 56 18.99 -0.15 12.44
N GLY B 57 19.56 0.79 13.20
CA GLY B 57 18.95 2.12 13.41
C GLY B 57 19.02 2.89 12.10
N THR B 58 18.33 4.02 11.94
CA THR B 58 18.41 4.86 10.71
C THR B 58 18.39 6.35 11.06
N SER B 59 18.96 7.21 10.21
CA SER B 59 18.92 8.68 10.44
C SER B 59 18.87 9.36 9.07
N LEU B 60 17.68 9.76 8.63
CA LEU B 60 17.54 10.39 7.30
C LEU B 60 17.29 11.87 7.50
N VAL B 61 18.22 12.71 7.06
CA VAL B 61 18.05 14.19 7.16
C VAL B 61 17.87 14.72 5.75
N ASN B 62 16.74 15.33 5.45
CA ASN B 62 16.45 15.91 4.12
C ASN B 62 16.36 17.41 4.36
N PHE B 63 17.46 18.13 4.15
CA PHE B 63 17.52 19.62 4.21
C PHE B 63 17.36 20.11 2.76
N PHE B 64 16.28 20.83 2.46
CA PHE B 64 16.05 21.38 1.10
C PHE B 64 15.96 22.90 1.20
N SER B 65 16.86 23.63 0.55
CA SER B 65 16.89 25.12 0.66
C SER B 65 16.79 25.48 2.15
N SER B 66 17.43 24.70 3.01
CA SER B 66 17.31 24.86 4.49
C SER B 66 18.66 25.31 5.04
N LEU B 67 18.76 26.51 5.60
CA LEU B 67 20.03 26.99 6.23
C LEU B 67 20.11 26.36 7.63
N MET B 68 21.32 26.16 8.17
CA MET B 68 21.58 25.62 9.56
C MET B 68 22.76 26.47 10.06
N ASN B 69 22.52 27.65 10.64
CA ASN B 69 23.57 28.67 10.85
C ASN B 69 23.88 28.76 12.35
N LEU B 70 25.04 28.30 12.75
CA LEU B 70 25.44 28.49 14.17
C LEU B 70 26.53 29.57 14.16
N GLU B 71 26.35 30.62 14.93
CA GLU B 71 27.31 31.75 14.91
C GLU B 71 27.71 32.09 16.33
N GLY C 4 4.89 -24.01 1.05
CA GLY C 4 5.96 -23.02 1.15
C GLY C 4 5.51 -21.67 0.62
N GLN C 5 6.34 -21.00 -0.19
CA GLN C 5 6.01 -19.65 -0.67
C GLN C 5 5.79 -19.70 -2.18
N ASP C 6 4.67 -19.13 -2.65
CA ASP C 6 4.35 -19.15 -4.09
C ASP C 6 3.88 -17.77 -4.53
N MET C 7 4.65 -17.09 -5.39
CA MET C 7 4.23 -15.77 -5.93
C MET C 7 4.14 -15.87 -7.45
N GLN C 8 2.91 -15.94 -7.98
CA GLN C 8 2.68 -15.97 -9.45
C GLN C 8 1.74 -14.79 -9.75
N SER C 9 2.27 -13.57 -9.78
CA SER C 9 1.38 -12.38 -9.88
C SER C 9 1.78 -11.39 -10.98
N LEU C 10 0.84 -10.58 -11.48
CA LEU C 10 1.23 -9.51 -12.44
C LEU C 10 1.75 -8.36 -11.57
N PHE C 11 3.04 -8.33 -11.30
CA PHE C 11 3.61 -7.33 -10.34
C PHE C 11 4.28 -6.13 -11.04
N THR C 12 3.57 -5.04 -11.32
CA THR C 12 4.15 -3.77 -11.84
C THR C 12 4.35 -2.86 -10.63
N GLN C 13 5.43 -2.09 -10.60
CA GLN C 13 5.67 -1.06 -9.54
C GLN C 13 6.38 0.10 -10.25
N TYR C 14 5.73 1.25 -10.43
CA TYR C 14 6.31 2.44 -11.10
C TYR C 14 6.89 3.38 -10.03
N PHE C 15 8.02 4.03 -10.26
CA PHE C 15 8.58 5.07 -9.35
C PHE C 15 9.05 6.24 -10.22
N GLN C 16 8.62 7.48 -10.00
CA GLN C 16 9.10 8.70 -10.72
C GLN C 16 9.18 8.41 -12.23
N SER C 17 8.17 7.73 -12.79
CA SER C 17 8.25 7.23 -14.19
C SER C 17 7.07 7.74 -15.04
N MET C 18 7.17 7.69 -16.37
CA MET C 18 6.08 8.07 -17.32
C MET C 18 5.85 6.86 -18.24
N THR C 19 4.65 6.29 -18.32
CA THR C 19 4.44 5.05 -19.10
C THR C 19 3.15 5.11 -19.91
N GLU C 20 3.23 5.01 -21.23
CA GLU C 20 2.02 4.93 -22.09
C GLU C 20 1.98 3.48 -22.54
N TYR C 21 0.84 2.78 -22.52
CA TYR C 21 0.82 1.40 -23.08
C TYR C 21 -0.58 0.92 -23.46
N GLY C 22 -0.73 -0.16 -24.23
CA GLY C 22 -2.06 -0.71 -24.54
C GLY C 22 -2.99 0.37 -25.07
N LYS C 23 -2.63 1.00 -26.20
CA LYS C 23 -3.43 2.12 -26.74
C LYS C 23 -3.75 1.89 -28.22
N ASP C 24 -5.00 1.51 -28.53
CA ASP C 24 -5.43 1.35 -29.95
C ASP C 24 -5.94 2.69 -30.44
N LEU C 25 -5.28 3.31 -31.42
CA LEU C 25 -5.67 4.68 -31.84
C LEU C 25 -5.99 4.74 -33.34
N VAL C 26 -7.24 5.03 -33.70
CA VAL C 26 -7.58 5.24 -35.14
C VAL C 26 -7.67 6.75 -35.41
N GLU C 27 -7.03 7.24 -36.47
CA GLU C 27 -7.24 8.67 -36.81
C GLU C 27 -8.26 8.76 -37.96
N LYS C 28 -8.14 7.93 -39.00
CA LYS C 28 -9.08 8.03 -40.16
C LYS C 28 -9.55 6.63 -40.54
N ALA C 29 -10.86 6.43 -40.72
CA ALA C 29 -11.35 5.12 -41.16
C ALA C 29 -12.46 5.31 -42.20
N LYS C 30 -12.47 4.47 -43.24
CA LYS C 30 -13.53 4.55 -44.27
C LYS C 30 -13.74 3.14 -44.82
N THR C 31 -14.98 2.62 -44.76
CA THR C 31 -15.29 1.28 -45.33
C THR C 31 -14.24 0.27 -44.83
N SER C 32 -13.72 0.40 -43.60
CA SER C 32 -12.62 -0.46 -43.07
C SER C 32 -13.08 -1.16 -41.78
N GLU C 33 -12.46 -2.28 -41.37
CA GLU C 33 -12.74 -2.99 -40.07
C GLU C 33 -11.45 -2.87 -39.26
N ILE C 34 -11.29 -1.90 -38.33
CA ILE C 34 -9.96 -1.61 -37.68
C ILE C 34 -9.83 -2.00 -36.19
N GLN C 35 -8.98 -2.99 -35.86
CA GLN C 35 -8.69 -3.40 -34.44
C GLN C 35 -9.91 -4.07 -33.79
N SER C 36 -10.60 -4.98 -34.49
CA SER C 36 -11.85 -5.57 -33.92
C SER C 36 -11.61 -6.96 -33.30
N GLN C 37 -11.67 -7.09 -31.98
CA GLN C 37 -11.58 -8.43 -31.32
C GLN C 37 -12.94 -9.08 -31.58
N ALA C 38 -13.02 -10.27 -32.15
CA ALA C 38 -14.27 -10.91 -32.61
C ALA C 38 -14.11 -12.44 -32.58
N LYS C 39 -15.22 -13.19 -32.64
CA LYS C 39 -15.23 -14.69 -32.62
C LYS C 39 -16.05 -15.28 -33.79
N ALA C 40 -16.92 -14.50 -34.45
CA ALA C 40 -17.63 -14.94 -35.70
C ALA C 40 -18.37 -16.27 -35.58
N TYR C 41 -18.12 -17.28 -36.43
CA TYR C 41 -19.14 -18.30 -36.76
C TYR C 41 -18.75 -19.71 -36.25
N PHE C 42 -19.08 -20.12 -35.01
CA PHE C 42 -18.63 -21.42 -34.47
C PHE C 42 -19.76 -22.44 -34.59
N GLU C 43 -19.47 -23.70 -34.88
CA GLU C 43 -20.49 -24.77 -34.98
C GLU C 43 -19.98 -25.94 -34.14
N LYS C 44 -20.70 -26.40 -33.12
CA LYS C 44 -20.34 -27.61 -32.31
C LYS C 44 -18.90 -27.51 -31.77
N THR C 45 -18.48 -26.31 -31.33
CA THR C 45 -17.08 -26.13 -30.84
C THR C 45 -17.00 -26.37 -29.34
N HIS C 46 -15.83 -26.80 -28.85
CA HIS C 46 -15.65 -27.12 -27.42
C HIS C 46 -14.42 -26.38 -26.89
N GLU C 47 -14.59 -25.13 -26.48
CA GLU C 47 -13.46 -24.32 -25.96
C GLU C 47 -13.43 -24.40 -24.43
N GLN C 48 -12.25 -24.64 -23.84
CA GLN C 48 -12.22 -24.80 -22.35
C GLN C 48 -11.62 -23.56 -21.69
N LEU C 49 -10.45 -23.09 -22.09
CA LEU C 49 -9.80 -21.87 -21.48
C LEU C 49 -9.15 -21.06 -22.61
N THR C 50 -9.88 -20.15 -23.25
CA THR C 50 -9.40 -19.44 -24.48
C THR C 50 -9.48 -17.91 -24.30
N PRO C 51 -8.64 -17.25 -23.48
CA PRO C 51 -8.70 -15.79 -23.28
C PRO C 51 -8.27 -15.01 -24.53
N LEU C 52 -9.20 -14.27 -25.17
CA LEU C 52 -8.92 -13.37 -26.34
C LEU C 52 -8.79 -11.97 -25.73
N VAL C 53 -7.59 -11.52 -25.38
CA VAL C 53 -7.35 -10.26 -24.58
C VAL C 53 -6.65 -9.19 -25.44
N ARG C 54 -6.87 -7.88 -25.21
CA ARG C 54 -6.27 -6.79 -26.03
C ARG C 54 -6.19 -5.41 -25.33
N SER C 55 -5.28 -4.50 -25.73
CA SER C 55 -5.22 -3.07 -25.27
C SER C 55 -5.09 -2.93 -23.74
N ALA C 56 -4.01 -3.46 -23.14
CA ALA C 56 -3.77 -3.35 -21.67
C ALA C 56 -4.87 -4.07 -20.88
N GLY C 57 -5.69 -4.92 -21.50
CA GLY C 57 -6.69 -5.73 -20.77
C GLY C 57 -5.93 -6.78 -19.96
N THR C 58 -6.56 -7.50 -19.01
CA THR C 58 -5.91 -8.58 -18.23
C THR C 58 -6.87 -9.76 -18.01
N SER C 59 -6.34 -10.97 -17.83
CA SER C 59 -7.19 -12.16 -17.54
C SER C 59 -6.41 -13.08 -16.61
N LEU C 60 -6.67 -13.02 -15.31
CA LEU C 60 -5.92 -13.86 -14.35
C LEU C 60 -6.84 -14.98 -13.87
N VAL C 61 -6.50 -16.22 -14.19
CA VAL C 61 -7.31 -17.37 -13.72
C VAL C 61 -6.46 -18.14 -12.71
N ASN C 62 -6.93 -18.25 -11.48
CA ASN C 62 -6.21 -18.96 -10.40
C ASN C 62 -7.09 -20.16 -10.07
N PHE C 63 -6.82 -21.31 -10.68
CA PHE C 63 -7.51 -22.60 -10.37
C PHE C 63 -6.62 -23.34 -9.38
N PHE C 64 -7.10 -23.57 -8.15
CA PHE C 64 -6.33 -24.30 -7.12
C PHE C 64 -7.11 -25.54 -6.70
N SER C 65 -6.57 -26.74 -6.92
CA SER C 65 -7.31 -28.00 -6.62
C SER C 65 -8.72 -27.87 -7.22
N SER C 66 -8.83 -27.24 -8.38
CA SER C 66 -10.15 -26.93 -9.02
C SER C 66 -10.29 -27.77 -10.29
N LEU C 67 -11.25 -28.70 -10.35
CA LEU C 67 -11.50 -29.48 -11.59
C LEU C 67 -12.32 -28.60 -12.54
N MET C 68 -12.21 -28.82 -13.86
CA MET C 68 -12.99 -28.10 -14.93
C MET C 68 -13.34 -29.22 -15.94
N ASN C 69 -14.42 -29.97 -15.74
CA ASN C 69 -14.65 -31.25 -16.45
C ASN C 69 -15.80 -31.06 -17.45
N LEU C 70 -15.48 -31.07 -18.73
CA LEU C 70 -16.57 -31.03 -19.74
C LEU C 70 -16.62 -32.43 -20.35
N GLU C 71 -17.80 -33.06 -20.33
CA GLU C 71 -17.91 -34.45 -20.82
C GLU C 71 -19.08 -34.54 -21.79
N GLY D 4 9.67 19.56 -9.56
CA GLY D 4 9.56 18.25 -10.23
C GLY D 4 9.21 17.15 -9.25
N GLN D 5 9.89 16.01 -9.34
CA GLN D 5 9.56 14.85 -8.47
C GLN D 5 10.73 14.60 -7.52
N ASP D 6 10.43 14.47 -6.22
CA ASP D 6 11.49 14.25 -5.21
C ASP D 6 11.06 13.14 -4.25
N MET D 7 11.75 12.00 -4.27
CA MET D 7 11.44 10.90 -3.31
C MET D 7 12.69 10.63 -2.47
N GLN D 8 12.68 11.08 -1.21
CA GLN D 8 13.81 10.81 -0.26
C GLN D 8 13.18 10.13 0.95
N SER D 9 12.85 8.84 0.85
CA SER D 9 12.08 8.18 1.94
C SER D 9 12.68 6.86 2.43
N LEU D 10 12.38 6.45 3.67
CA LEU D 10 12.81 5.11 4.11
C LEU D 10 11.80 4.12 3.54
N PHE D 11 12.06 3.60 2.34
CA PHE D 11 11.04 2.75 1.64
C PHE D 11 11.34 1.24 1.75
N THR D 12 10.81 0.53 2.76
CA THR D 12 10.89 -0.95 2.87
C THR D 12 9.57 -1.48 2.32
N GLN D 13 9.61 -2.62 1.62
CA GLN D 13 8.39 -3.33 1.14
C GLN D 13 8.72 -4.82 1.22
N TYR D 14 8.11 -5.57 2.14
CA TYR D 14 8.34 -7.03 2.33
C TYR D 14 7.28 -7.80 1.53
N PHE D 15 7.60 -8.92 0.89
CA PHE D 15 6.61 -9.81 0.23
C PHE D 15 6.97 -11.25 0.59
N GLN D 16 6.07 -12.07 1.16
CA GLN D 16 6.31 -13.52 1.44
C GLN D 16 7.68 -13.70 2.09
N SER D 17 8.06 -12.83 3.02
CA SER D 17 9.45 -12.81 3.56
C SER D 17 9.48 -12.96 5.09
N MET D 18 10.62 -13.32 5.69
CA MET D 18 10.81 -13.42 7.16
C MET D 18 12.02 -12.53 7.52
N THR D 19 11.87 -11.53 8.40
CA THR D 19 12.98 -10.58 8.64
C THR D 19 13.12 -10.29 10.13
N GLU D 20 14.27 -10.59 10.74
CA GLU D 20 14.56 -10.22 12.15
C GLU D 20 15.54 -9.07 12.03
N TYR D 21 15.41 -7.97 12.79
CA TYR D 21 16.48 -6.92 12.74
C TYR D 21 16.47 -6.00 13.96
N GLY D 22 17.51 -5.22 14.20
CA GLY D 22 17.50 -4.24 15.32
C GLY D 22 17.11 -4.91 16.63
N LYS D 23 17.89 -5.90 17.06
CA LYS D 23 17.53 -6.67 18.29
C LYS D 23 18.72 -6.72 19.26
N ASP D 24 18.66 -5.93 20.35
CA ASP D 24 19.73 -5.98 21.38
C ASP D 24 19.33 -7.04 22.40
N LEU D 25 20.12 -8.12 22.53
CA LEU D 25 19.70 -9.25 23.41
C LEU D 25 20.77 -9.55 24.46
N VAL D 26 20.45 -9.35 25.75
CA VAL D 26 21.41 -9.77 26.83
C VAL D 26 20.93 -11.09 27.42
N GLU D 27 21.81 -12.08 27.56
CA GLU D 27 21.37 -13.31 28.29
C GLU D 27 21.88 -13.24 29.73
N LYS D 28 23.14 -12.87 29.97
CA LYS D 28 23.69 -12.84 31.35
C LYS D 28 24.44 -11.53 31.58
N ALA D 29 24.18 -10.85 32.69
CA ALA D 29 24.94 -9.61 32.99
C ALA D 29 25.28 -9.57 34.47
N LYS D 30 26.50 -9.14 34.81
CA LYS D 30 26.90 -9.00 36.23
C LYS D 30 27.89 -7.85 36.33
N THR D 31 27.60 -6.85 37.17
CA THR D 31 28.55 -5.71 37.39
C THR D 31 28.99 -5.18 36.01
N SER D 32 28.13 -5.18 34.98
CA SER D 32 28.49 -4.78 33.58
C SER D 32 27.58 -3.64 33.11
N GLU D 33 27.96 -2.84 32.11
CA GLU D 33 27.13 -1.76 31.50
C GLU D 33 26.91 -2.21 30.05
N ILE D 34 25.78 -2.86 29.67
CA ILE D 34 25.62 -3.52 28.33
C ILE D 34 24.63 -2.84 27.36
N GLN D 35 25.13 -2.28 26.24
CA GLN D 35 24.26 -1.66 25.16
C GLN D 35 23.57 -0.39 25.66
N SER D 36 24.28 0.51 26.34
CA SER D 36 23.61 1.71 26.92
C SER D 36 23.82 2.97 26.05
N GLN D 37 22.76 3.46 25.38
CA GLN D 37 22.86 4.74 24.62
C GLN D 37 22.85 5.82 25.70
N ALA D 38 23.82 6.73 25.75
CA ALA D 38 24.01 7.71 26.85
C ALA D 38 24.72 8.96 26.32
N LYS D 39 24.68 10.08 27.06
CA LYS D 39 25.33 11.36 26.68
C LYS D 39 26.23 11.92 27.80
N ALA D 40 26.10 11.47 29.06
CA ALA D 40 27.04 11.81 30.16
C ALA D 40 27.25 13.32 30.37
N TYR D 41 28.49 13.84 30.35
CA TYR D 41 28.84 15.08 31.10
C TYR D 41 29.19 16.25 30.15
N PHE D 42 28.23 17.07 29.67
CA PHE D 42 28.55 18.13 28.69
C PHE D 42 28.66 19.48 29.42
N GLU D 43 29.58 20.35 29.01
CA GLU D 43 29.74 21.69 29.62
C GLU D 43 29.77 22.70 28.48
N LYS D 44 28.88 23.69 28.41
CA LYS D 44 28.89 24.79 27.39
C LYS D 44 28.95 24.21 25.97
N THR D 45 28.22 23.12 25.69
CA THR D 45 28.27 22.48 24.36
C THR D 45 27.19 23.06 23.45
N HIS D 46 27.42 23.04 22.14
CA HIS D 46 26.45 23.62 21.15
C HIS D 46 26.17 22.59 20.07
N GLU D 47 25.22 21.69 20.31
CA GLU D 47 24.86 20.63 19.33
C GLU D 47 23.66 21.09 18.49
N GLN D 48 23.73 20.95 17.17
CA GLN D 48 22.60 21.48 16.34
C GLN D 48 21.74 20.32 15.82
N LEU D 49 22.31 19.29 15.18
CA LEU D 49 21.52 18.13 14.65
C LEU D 49 22.32 16.85 14.91
N THR D 50 22.16 16.21 16.07
CA THR D 50 23.02 15.07 16.50
C THR D 50 22.17 13.84 16.86
N PRO D 51 21.51 13.12 15.91
CA PRO D 51 20.68 11.96 16.23
C PRO D 51 21.52 10.76 16.72
N LEU D 52 21.37 10.35 18.00
CA LEU D 52 22.02 9.15 18.62
C LEU D 52 20.94 8.06 18.55
N VAL D 53 20.91 7.24 17.50
CA VAL D 53 19.78 6.26 17.21
C VAL D 53 20.28 4.81 17.35
N ARG D 54 19.42 3.85 17.75
CA ARG D 54 19.84 2.42 17.96
C ARG D 54 18.69 1.39 17.88
N SER D 55 18.96 0.11 17.58
CA SER D 55 17.96 -1.03 17.66
C SER D 55 16.71 -0.80 16.80
N ALA D 56 16.85 -0.66 15.47
CA ALA D 56 15.71 -0.47 14.54
C ALA D 56 14.97 0.84 14.85
N GLY D 57 15.55 1.77 15.63
CA GLY D 57 14.94 3.11 15.85
C GLY D 57 15.02 3.89 14.55
N THR D 58 14.34 5.02 14.39
CA THR D 58 14.43 5.88 13.17
C THR D 58 14.41 7.37 13.55
N SER D 59 15.01 8.23 12.71
CA SER D 59 14.96 9.70 12.96
C SER D 59 14.92 10.40 11.59
N LEU D 60 13.74 10.81 11.15
CA LEU D 60 13.61 11.46 9.82
C LEU D 60 13.37 12.94 10.06
N VAL D 61 14.32 13.78 9.62
CA VAL D 61 14.14 15.25 9.74
C VAL D 61 13.99 15.80 8.33
N ASN D 62 12.85 16.42 8.05
CA ASN D 62 12.56 17.01 6.72
C ASN D 62 12.49 18.52 6.96
N PHE D 63 13.61 19.24 6.77
CA PHE D 63 13.66 20.72 6.85
C PHE D 63 13.52 21.23 5.41
N PHE D 64 12.45 21.96 5.11
CA PHE D 64 12.21 22.52 3.76
C PHE D 64 12.14 24.05 3.87
N SER D 65 13.06 24.78 3.23
CA SER D 65 13.08 26.28 3.36
C SER D 65 12.98 26.62 4.85
N SER D 66 13.62 25.82 5.71
CA SER D 66 13.50 25.95 7.18
C SER D 66 14.85 26.39 7.74
N LEU D 67 14.95 27.59 8.33
CA LEU D 67 16.21 28.05 8.97
C LEU D 67 16.28 27.40 10.36
N MET D 68 17.50 27.19 10.90
CA MET D 68 17.75 26.63 12.27
C MET D 68 18.93 27.46 12.79
N ASN D 69 18.70 28.64 13.38
CA ASN D 69 19.76 29.66 13.62
C ASN D 69 20.05 29.73 15.11
N LEU D 70 21.22 29.25 15.51
CA LEU D 70 21.62 29.42 16.93
C LEU D 70 22.71 30.48 16.94
N GLU D 71 22.53 31.54 17.73
CA GLU D 71 23.50 32.66 17.71
C GLU D 71 23.90 32.99 19.16
N GLY E 4 0.75 -22.79 3.14
CA GLY E 4 1.83 -21.80 3.25
C GLY E 4 1.39 -20.44 2.74
N GLN E 5 2.23 -19.77 1.94
CA GLN E 5 1.90 -18.41 1.47
C GLN E 5 1.68 -18.44 -0.04
N ASP E 6 0.58 -17.86 -0.51
CA ASP E 6 0.26 -17.87 -1.94
C ASP E 6 -0.20 -16.47 -2.37
N MET E 7 0.58 -15.79 -3.23
CA MET E 7 0.18 -14.45 -3.75
C MET E 7 0.08 -14.54 -5.27
N GLN E 8 -1.14 -14.59 -5.80
CA GLN E 8 -1.36 -14.60 -7.27
C GLN E 8 -2.29 -13.42 -7.57
N SER E 9 -1.77 -12.20 -7.57
CA SER E 9 -2.64 -11.00 -7.66
C SER E 9 -2.22 -10.00 -8.76
N LEU E 10 -3.16 -9.18 -9.24
CA LEU E 10 -2.76 -8.10 -10.19
C LEU E 10 -2.24 -6.96 -9.32
N PHE E 11 -0.94 -6.95 -9.03
CA PHE E 11 -0.37 -5.97 -8.06
C PHE E 11 0.32 -4.76 -8.75
N THR E 12 -0.39 -3.66 -9.01
CA THR E 12 0.20 -2.39 -9.51
C THR E 12 0.40 -1.50 -8.29
N GLN E 13 1.49 -0.74 -8.25
CA GLN E 13 1.74 0.29 -7.19
C GLN E 13 2.46 1.44 -7.88
N TYR E 14 1.81 2.59 -8.04
CA TYR E 14 2.39 3.80 -8.70
C TYR E 14 2.97 4.71 -7.62
N PHE E 15 4.12 5.36 -7.83
CA PHE E 15 4.68 6.38 -6.91
C PHE E 15 5.17 7.56 -7.77
N GLN E 16 4.73 8.81 -7.53
CA GLN E 16 5.23 10.03 -8.24
C GLN E 16 5.30 9.75 -9.74
N SER E 17 4.30 9.10 -10.33
CA SER E 17 4.38 8.61 -11.73
C SER E 17 3.20 9.13 -12.57
N MET E 18 3.31 9.10 -13.91
CA MET E 18 2.23 9.49 -14.86
C MET E 18 2.00 8.30 -15.80
N THR E 19 0.79 7.74 -15.87
CA THR E 19 0.58 6.50 -16.67
C THR E 19 -0.70 6.59 -17.48
N GLU E 20 -0.63 6.50 -18.80
CA GLU E 20 -1.84 6.45 -19.68
C GLU E 20 -1.88 5.00 -20.14
N TYR E 21 -3.03 4.30 -20.14
CA TYR E 21 -3.05 2.93 -20.71
C TYR E 21 -4.46 2.47 -21.10
N GLY E 22 -4.61 1.39 -21.88
CA GLY E 22 -5.95 0.86 -22.20
C GLY E 22 -6.86 1.96 -22.72
N LYS E 23 -6.49 2.58 -23.85
CA LYS E 23 -7.28 3.72 -24.38
C LYS E 23 -7.61 3.51 -25.86
N ASP E 24 -8.86 3.14 -26.18
CA ASP E 24 -9.28 3.00 -27.59
C ASP E 24 -9.78 4.36 -28.07
N LEU E 25 -9.11 4.97 -29.06
CA LEU E 25 -9.49 6.36 -29.46
C LEU E 25 -9.80 6.43 -30.96
N VAL E 26 -11.06 6.75 -31.31
CA VAL E 26 -11.39 6.98 -32.76
C VAL E 26 -11.46 8.47 -33.01
N GLU E 27 -10.81 8.98 -34.06
CA GLU E 27 -11.01 10.41 -34.39
C GLU E 27 -12.03 10.52 -35.54
N LYS E 28 -11.91 9.71 -36.59
CA LYS E 28 -12.85 9.83 -37.74
C LYS E 28 -13.32 8.42 -38.15
N ALA E 29 -14.64 8.25 -38.33
CA ALA E 29 -15.14 6.94 -38.79
C ALA E 29 -16.23 7.15 -39.83
N LYS E 30 -16.24 6.33 -40.89
CA LYS E 30 -17.30 6.42 -41.92
C LYS E 30 -17.52 5.02 -42.49
N THR E 31 -18.76 4.51 -42.43
CA THR E 31 -19.08 3.17 -43.02
C THR E 31 -18.04 2.16 -42.53
N SER E 32 -17.52 2.26 -41.30
CA SER E 32 -16.43 1.40 -40.76
C SER E 32 -16.90 0.68 -39.49
N GLU E 33 -16.29 -0.45 -39.08
CA GLU E 33 -16.58 -1.17 -37.80
C GLU E 33 -15.29 -1.06 -36.98
N ILE E 34 -15.12 -0.11 -36.04
CA ILE E 34 -13.80 0.16 -35.38
C ILE E 34 -13.68 -0.25 -33.90
N GLN E 35 -12.84 -1.24 -33.57
CA GLN E 35 -12.57 -1.67 -32.16
C GLN E 35 -13.79 -2.35 -31.52
N SER E 36 -14.47 -3.25 -32.23
CA SER E 36 -15.73 -3.83 -31.68
C SER E 36 -15.51 -5.22 -31.08
N GLN E 37 -15.57 -5.37 -29.74
CA GLN E 37 -15.49 -6.72 -29.10
C GLN E 37 -16.86 -7.36 -29.38
N ALA E 38 -16.94 -8.54 -29.97
CA ALA E 38 -18.20 -9.17 -30.43
C ALA E 38 -18.05 -10.70 -30.42
N LYS E 39 -19.16 -11.45 -30.49
CA LYS E 39 -19.18 -12.94 -30.50
C LYS E 39 -20.01 -13.51 -31.67
N ALA E 40 -20.87 -12.73 -32.33
CA ALA E 40 -21.56 -13.13 -33.58
C ALA E 40 -22.32 -14.46 -33.48
N TYR E 41 -22.07 -15.47 -34.34
CA TYR E 41 -23.11 -16.48 -34.69
C TYR E 41 -22.72 -17.89 -34.19
N PHE E 42 -23.05 -18.31 -32.96
CA PHE E 42 -22.61 -19.62 -32.44
C PHE E 42 -23.75 -20.63 -32.56
N GLU E 43 -23.46 -21.88 -32.88
CA GLU E 43 -24.50 -22.95 -32.99
C GLU E 43 -24.00 -24.13 -32.16
N LYS E 44 -24.72 -24.61 -31.14
CA LYS E 44 -24.37 -25.83 -30.35
C LYS E 44 -22.95 -25.74 -29.80
N THR E 45 -22.52 -24.56 -29.35
CA THR E 45 -21.12 -24.38 -28.86
C THR E 45 -21.04 -24.65 -27.35
N HIS E 46 -19.88 -25.08 -26.87
CA HIS E 46 -19.71 -25.43 -25.43
C HIS E 46 -18.47 -24.71 -24.89
N GLU E 47 -18.64 -23.45 -24.47
CA GLU E 47 -17.49 -22.65 -23.94
C GLU E 47 -17.47 -22.75 -22.42
N GLN E 48 -16.30 -23.01 -21.82
CA GLN E 48 -16.28 -23.19 -20.33
C GLN E 48 -15.68 -21.95 -19.65
N LEU E 49 -14.50 -21.49 -20.04
CA LEU E 49 -13.83 -20.29 -19.42
C LEU E 49 -13.19 -19.47 -20.54
N THR E 50 -13.90 -18.54 -21.17
CA THR E 50 -13.42 -17.82 -22.39
C THR E 50 -13.49 -16.29 -22.19
N PRO E 51 -12.64 -15.65 -21.35
CA PRO E 51 -12.69 -14.19 -21.14
C PRO E 51 -12.25 -13.40 -22.38
N LEU E 52 -13.16 -12.65 -23.02
CA LEU E 52 -12.88 -11.74 -24.18
C LEU E 52 -12.75 -10.34 -23.55
N VAL E 53 -11.55 -9.91 -23.18
CA VAL E 53 -11.31 -8.66 -22.37
C VAL E 53 -10.59 -7.58 -23.22
N ARG E 54 -10.80 -6.27 -22.97
CA ARG E 54 -10.18 -5.18 -23.78
C ARG E 54 -10.10 -3.81 -23.07
N SER E 55 -9.18 -2.90 -23.45
CA SER E 55 -9.11 -1.48 -22.98
C SER E 55 -9.00 -1.36 -21.44
N ALA E 56 -7.92 -1.89 -20.84
CA ALA E 56 -7.68 -1.81 -19.37
C ALA E 56 -8.80 -2.53 -18.59
N GLY E 57 -9.61 -3.36 -19.24
CA GLY E 57 -10.62 -4.19 -18.51
C GLY E 57 -9.88 -5.24 -17.71
N THR E 58 -10.52 -5.96 -16.78
CA THR E 58 -9.87 -7.06 -16.01
C THR E 58 -10.84 -8.24 -15.80
N SER E 59 -10.32 -9.46 -15.63
CA SER E 59 -11.18 -10.63 -15.35
C SER E 59 -10.40 -11.58 -14.44
N LEU E 60 -10.68 -11.53 -13.13
CA LEU E 60 -9.94 -12.38 -12.17
C LEU E 60 -10.86 -13.50 -11.72
N VAL E 61 -10.53 -14.74 -12.05
CA VAL E 61 -11.35 -15.89 -11.60
C VAL E 61 -10.51 -16.68 -10.59
N ASN E 62 -10.97 -16.79 -9.37
CA ASN E 62 -10.26 -17.53 -8.29
C ASN E 62 -11.17 -18.72 -7.97
N PHE E 63 -10.90 -19.88 -8.61
CA PHE E 63 -11.60 -21.16 -8.31
C PHE E 63 -10.71 -21.92 -7.31
N PHE E 64 -11.20 -22.16 -6.09
CA PHE E 64 -10.44 -22.90 -5.07
C PHE E 64 -11.24 -24.14 -4.68
N SER E 65 -10.70 -25.34 -4.90
CA SER E 65 -11.45 -26.60 -4.62
C SER E 65 -12.85 -26.45 -5.22
N SER E 66 -12.95 -25.81 -6.38
CA SER E 66 -14.26 -25.49 -7.02
C SER E 66 -14.40 -26.31 -8.30
N LEU E 67 -15.37 -27.23 -8.38
CA LEU E 67 -15.62 -28.00 -9.62
C LEU E 67 -16.43 -27.10 -10.56
N MET E 68 -16.32 -27.31 -11.89
CA MET E 68 -17.10 -26.57 -12.95
C MET E 68 -17.44 -27.67 -13.97
N ASN E 69 -18.53 -28.42 -13.79
CA ASN E 69 -18.78 -29.69 -14.51
C ASN E 69 -19.92 -29.48 -15.51
N LEU E 70 -19.60 -29.46 -16.79
CA LEU E 70 -20.68 -29.42 -17.81
C LEU E 70 -20.74 -30.81 -18.43
N GLU E 71 -21.92 -31.43 -18.43
CA GLU E 71 -22.03 -32.82 -18.92
C GLU E 71 -23.20 -32.89 -19.91
N GLY F 4 5.87 20.87 -6.94
CA GLY F 4 5.75 19.57 -7.64
C GLY F 4 5.39 18.46 -6.67
N GLN F 5 6.06 17.31 -6.77
CA GLN F 5 5.72 16.16 -5.91
C GLN F 5 6.88 15.88 -4.96
N ASP F 6 6.58 15.74 -3.67
CA ASP F 6 7.64 15.50 -2.66
C ASP F 6 7.19 14.38 -1.71
N MET F 7 7.87 13.24 -1.73
CA MET F 7 7.55 12.13 -0.79
C MET F 7 8.80 11.84 0.06
N GLN F 8 8.79 12.28 1.32
CA GLN F 8 9.91 11.98 2.26
C GLN F 8 9.28 11.30 3.47
N SER F 9 8.93 10.02 3.35
CA SER F 9 8.15 9.35 4.43
C SER F 9 8.74 8.02 4.90
N LEU F 10 8.43 7.59 6.13
CA LEU F 10 8.87 6.25 6.57
C LEU F 10 7.84 5.26 5.98
N PHE F 11 8.10 4.76 4.77
CA PHE F 11 7.08 3.92 4.06
C PHE F 11 7.36 2.41 4.16
N THR F 12 6.83 1.70 5.16
CA THR F 12 6.90 0.22 5.26
C THR F 12 5.59 -0.31 4.69
N GLN F 13 5.62 -1.44 3.98
CA GLN F 13 4.39 -2.13 3.48
C GLN F 13 4.71 -3.62 3.54
N TYR F 14 4.09 -4.38 4.45
CA TYR F 14 4.31 -5.84 4.63
C TYR F 14 3.24 -6.59 3.82
N PHE F 15 3.56 -7.71 3.17
CA PHE F 15 2.57 -8.59 2.49
C PHE F 15 2.92 -10.04 2.84
N GLN F 16 2.02 -10.85 3.39
CA GLN F 16 2.24 -12.31 3.66
C GLN F 16 3.61 -12.50 4.30
N SER F 17 4.00 -11.66 5.25
CA SER F 17 5.39 -11.65 5.80
C SER F 17 5.40 -11.81 7.33
N MET F 18 6.54 -12.18 7.93
CA MET F 18 6.72 -12.31 9.40
C MET F 18 7.94 -11.43 9.76
N THR F 19 7.79 -10.43 10.65
CA THR F 19 8.91 -9.50 10.92
C THR F 19 9.04 -9.22 12.41
N GLU F 20 10.19 -9.53 13.02
CA GLU F 20 10.47 -9.19 14.44
C GLU F 20 11.46 -8.05 14.34
N TYR F 21 11.35 -6.95 15.10
CA TYR F 21 12.41 -5.91 15.07
C TYR F 21 12.40 -5.00 16.29
N GLY F 22 13.45 -4.23 16.55
CA GLY F 22 13.45 -3.26 17.67
C GLY F 22 13.05 -3.95 18.97
N LYS F 23 13.82 -4.95 19.41
CA LYS F 23 13.44 -5.72 20.62
C LYS F 23 14.63 -5.79 21.60
N ASP F 24 14.58 -5.02 22.69
CA ASP F 24 15.63 -5.08 23.73
C ASP F 24 15.23 -6.16 24.73
N LEU F 25 16.00 -7.25 24.86
CA LEU F 25 15.58 -8.37 25.72
C LEU F 25 16.64 -8.70 26.78
N VAL F 26 16.32 -8.52 28.06
CA VAL F 26 17.27 -8.95 29.14
C VAL F 26 16.78 -10.27 29.72
N GLU F 27 17.65 -11.27 29.86
CA GLU F 27 17.21 -12.50 30.56
C GLU F 27 17.71 -12.46 32.01
N LYS F 28 18.97 -12.09 32.25
CA LYS F 28 19.51 -12.09 33.64
C LYS F 28 20.27 -10.79 33.88
N ALA F 29 20.01 -10.11 35.00
CA ALA F 29 20.78 -8.89 35.31
C ALA F 29 21.12 -8.87 36.80
N LYS F 30 22.33 -8.44 37.15
CA LYS F 30 22.73 -8.34 38.57
C LYS F 30 23.73 -7.19 38.70
N THR F 31 23.45 -6.19 39.54
CA THR F 31 24.40 -5.06 39.78
C THR F 31 24.85 -4.51 38.40
N SER F 32 23.99 -4.50 37.37
CA SER F 32 24.36 -4.09 35.98
C SER F 32 23.46 -2.93 35.52
N GLU F 33 23.86 -2.12 34.52
CA GLU F 33 23.03 -1.04 33.91
C GLU F 33 22.80 -1.47 32.47
N ILE F 34 21.67 -2.11 32.08
CA ILE F 34 21.52 -2.75 30.73
C ILE F 34 20.53 -2.05 29.76
N GLN F 35 21.03 -1.48 28.65
CA GLN F 35 20.18 -0.86 27.59
C GLN F 35 19.50 0.43 28.08
N SER F 36 20.21 1.32 28.78
CA SER F 36 19.56 2.51 29.37
C SER F 36 19.77 3.77 28.52
N GLN F 37 18.73 4.28 27.85
CA GLN F 37 18.84 5.57 27.11
C GLN F 37 18.83 6.64 28.20
N ALA F 38 19.80 7.54 28.26
CA ALA F 38 19.99 8.51 29.38
C ALA F 38 20.71 9.76 28.86
N LYS F 39 20.68 10.87 29.61
CA LYS F 39 21.34 12.15 29.24
C LYS F 39 22.24 12.69 30.39
N ALA F 40 22.10 12.22 31.63
CA ALA F 40 23.04 12.55 32.74
C ALA F 40 23.26 14.05 32.97
N TYR F 41 24.50 14.56 32.96
CA TYR F 41 24.85 15.80 33.72
C TYR F 41 25.21 16.98 32.79
N PHE F 42 24.26 17.81 32.32
CA PHE F 42 24.59 18.88 31.36
C PHE F 42 24.71 20.21 32.09
N GLU F 43 25.63 21.09 31.70
CA GLU F 43 25.80 22.42 32.33
C GLU F 43 25.86 23.44 31.19
N LYS F 44 24.97 24.43 31.13
CA LYS F 44 24.98 25.54 30.13
C LYS F 44 25.04 24.98 28.70
N THR F 45 24.31 23.90 28.42
CA THR F 45 24.36 23.27 27.07
C THR F 45 23.28 23.86 26.16
N HIS F 46 23.52 23.87 24.84
CA HIS F 46 22.57 24.46 23.87
C HIS F 46 22.28 23.44 22.77
N GLU F 47 21.31 22.55 23.00
CA GLU F 47 20.95 21.52 22.00
C GLU F 47 19.77 21.99 21.17
N GLN F 48 19.83 21.85 19.84
CA GLN F 48 18.72 22.41 19.01
C GLN F 48 17.85 21.26 18.48
N LEU F 49 18.41 20.23 17.84
CA LEU F 49 17.61 19.08 17.28
C LEU F 49 18.40 17.79 17.54
N THR F 50 18.23 17.15 18.68
CA THR F 50 19.09 16.00 19.11
C THR F 50 18.22 14.76 19.45
N PRO F 51 17.57 14.07 18.49
CA PRO F 51 16.73 12.90 18.79
C PRO F 51 17.55 11.69 19.27
N LEU F 52 17.39 11.27 20.55
CA LEU F 52 18.04 10.06 21.15
C LEU F 52 16.96 8.97 21.07
N VAL F 53 16.92 8.17 20.00
CA VAL F 53 15.79 7.21 19.70
C VAL F 53 16.27 5.75 19.83
N ARG F 54 15.42 4.78 20.22
CA ARG F 54 15.81 3.35 20.41
C ARG F 54 14.67 2.32 20.32
N SER F 55 14.92 1.04 20.01
CA SER F 55 13.92 -0.08 20.06
C SER F 55 12.67 0.17 19.20
N ALA F 56 12.82 0.32 17.87
CA ALA F 56 11.68 0.53 16.95
C ALA F 56 10.95 1.85 17.27
N GLY F 57 11.53 2.76 18.06
CA GLY F 57 10.93 4.08 18.29
C GLY F 57 11.03 4.88 16.99
N THR F 58 10.35 6.03 16.86
CA THR F 58 10.45 6.90 15.65
C THR F 58 10.43 8.39 16.03
N SER F 59 11.04 9.25 15.21
CA SER F 59 11.02 10.72 15.47
C SER F 59 10.99 11.43 14.12
N LEU F 60 9.80 11.86 13.68
CA LEU F 60 9.68 12.52 12.36
C LEU F 60 9.45 14.01 12.60
N VAL F 61 10.40 14.84 12.18
CA VAL F 61 10.24 16.31 12.31
C VAL F 61 10.09 16.89 10.92
N ASN F 62 8.95 17.52 10.63
CA ASN F 62 8.68 18.12 9.30
C ASN F 62 8.62 19.62 9.57
N PHE F 63 9.73 20.34 9.39
CA PHE F 63 9.81 21.82 9.48
C PHE F 63 9.67 22.34 8.04
N PHE F 64 8.60 23.09 7.76
CA PHE F 64 8.39 23.67 6.41
C PHE F 64 8.31 25.18 6.55
N SER F 65 9.24 25.93 5.91
CA SER F 65 9.28 27.41 6.06
C SER F 65 9.17 27.73 7.55
N SER F 66 9.79 26.92 8.41
CA SER F 66 9.67 27.05 9.88
C SER F 66 11.02 27.47 10.45
N LEU F 67 11.13 28.66 11.06
CA LEU F 67 12.39 29.10 11.70
C LEU F 67 12.46 28.44 13.08
N MET F 68 13.66 28.21 13.62
CA MET F 68 13.91 27.64 14.99
C MET F 68 15.10 28.46 15.53
N ASN F 69 14.87 29.63 16.13
CA ASN F 69 15.94 30.63 16.38
C ASN F 69 16.23 30.68 17.87
N LEU F 70 17.38 30.19 18.28
CA LEU F 70 17.78 30.34 19.71
C LEU F 70 18.88 31.40 19.73
N GLU F 71 18.70 32.45 20.53
CA GLU F 71 19.68 33.56 20.53
C GLU F 71 20.08 33.88 21.97
N GLY G 4 -3.39 -21.56 5.24
CA GLY G 4 -2.30 -20.58 5.35
C GLY G 4 -2.72 -19.21 4.86
N GLN G 5 -1.88 -18.54 4.07
CA GLN G 5 -2.19 -17.16 3.62
C GLN G 5 -2.41 -17.19 2.11
N ASP G 6 -3.51 -16.59 1.64
CA ASP G 6 -3.82 -16.57 0.20
C ASP G 6 -4.27 -15.17 -0.21
N MET G 7 -3.48 -14.49 -1.05
CA MET G 7 -3.88 -13.15 -1.57
C MET G 7 -3.97 -13.21 -3.09
N GLN G 8 -5.19 -13.25 -3.63
CA GLN G 8 -5.41 -13.24 -5.10
C GLN G 8 -6.33 -12.05 -5.39
N SER G 9 -5.79 -10.83 -5.37
CA SER G 9 -6.66 -9.62 -5.46
C SER G 9 -6.23 -8.61 -6.53
N LEU G 10 -7.16 -7.79 -7.02
CA LEU G 10 -6.74 -6.70 -7.94
C LEU G 10 -6.22 -5.57 -7.06
N PHE G 11 -4.93 -5.57 -6.77
CA PHE G 11 -4.35 -4.60 -5.78
C PHE G 11 -3.66 -3.39 -6.45
N THR G 12 -4.35 -2.28 -6.71
CA THR G 12 -3.75 -1.01 -7.20
C THR G 12 -3.54 -0.14 -5.96
N GLN G 13 -2.46 0.63 -5.91
CA GLN G 13 -2.21 1.62 -4.83
C GLN G 13 -1.47 2.78 -5.50
N TYR G 14 -2.12 3.95 -5.66
CA TYR G 14 -1.52 5.16 -6.30
C TYR G 14 -0.93 6.05 -5.20
N PHE G 15 0.21 6.69 -5.41
CA PHE G 15 0.78 7.71 -4.48
C PHE G 15 1.27 8.88 -5.31
N GLN G 16 0.85 10.12 -5.06
CA GLN G 16 1.36 11.36 -5.75
C GLN G 16 1.44 11.10 -7.26
N SER G 17 0.43 10.45 -7.85
CA SER G 17 0.51 9.99 -9.27
C SER G 17 -0.66 10.52 -10.11
N MET G 18 -0.55 10.51 -11.44
CA MET G 18 -1.62 10.92 -12.38
C MET G 18 -1.85 9.74 -13.35
N THR G 19 -3.07 9.19 -13.44
CA THR G 19 -3.28 7.96 -14.24
C THR G 19 -4.57 8.06 -15.06
N GLU G 20 -4.48 7.99 -16.39
CA GLU G 20 -5.69 7.95 -17.26
C GLU G 20 -5.74 6.51 -17.73
N TYR G 21 -6.89 5.83 -17.75
CA TYR G 21 -6.93 4.45 -18.34
C TYR G 21 -8.34 4.01 -18.74
N GLY G 22 -8.49 2.95 -19.53
CA GLY G 22 -9.83 2.43 -19.86
C GLY G 22 -10.74 3.53 -20.38
N LYS G 23 -10.35 4.18 -21.49
CA LYS G 23 -11.14 5.32 -22.01
C LYS G 23 -11.46 5.12 -23.50
N ASP G 24 -12.70 4.77 -23.82
CA ASP G 24 -13.13 4.64 -25.25
C ASP G 24 -13.62 6.02 -25.71
N LEU G 25 -12.94 6.64 -26.68
CA LEU G 25 -13.30 8.03 -27.07
C LEU G 25 -13.61 8.12 -28.56
N VAL G 26 -14.86 8.45 -28.93
CA VAL G 26 -15.19 8.70 -30.38
C VAL G 26 -15.26 10.20 -30.61
N GLU G 27 -14.60 10.71 -31.64
CA GLU G 27 -14.79 12.16 -31.95
C GLU G 27 -15.79 12.27 -33.11
N LYS G 28 -15.68 11.48 -34.17
CA LYS G 28 -16.61 11.62 -35.32
C LYS G 28 -17.10 10.23 -35.75
N ALA G 29 -18.41 10.06 -35.94
CA ALA G 29 -18.92 8.76 -36.41
C ALA G 29 -20.01 8.99 -37.45
N LYS G 30 -20.02 8.18 -38.52
CA LYS G 30 -21.08 8.30 -39.55
C LYS G 30 -21.30 6.90 -40.14
N THR G 31 -22.55 6.40 -40.10
CA THR G 31 -22.88 5.07 -40.70
C THR G 31 -21.84 4.04 -40.22
N SER G 32 -21.33 4.12 -38.98
CA SER G 32 -20.24 3.24 -38.46
C SER G 32 -20.72 2.52 -37.19
N GLU G 33 -20.12 1.38 -36.80
CA GLU G 33 -20.42 0.65 -35.53
C GLU G 33 -19.13 0.73 -34.70
N ILE G 34 -18.96 1.68 -33.75
CA ILE G 34 -17.64 1.93 -33.08
C ILE G 34 -17.53 1.51 -31.59
N GLN G 35 -16.69 0.50 -31.28
CA GLN G 35 -16.42 0.05 -29.88
C GLN G 35 -17.65 -0.62 -29.25
N SER G 36 -18.35 -1.50 -29.97
CA SER G 36 -19.61 -2.09 -29.43
C SER G 36 -19.40 -3.50 -28.85
N GLN G 37 -19.46 -3.65 -27.51
CA GLN G 37 -19.40 -5.01 -26.89
C GLN G 37 -20.77 -5.63 -27.18
N ALA G 38 -20.85 -6.81 -27.77
CA ALA G 38 -22.11 -7.42 -28.26
C ALA G 38 -21.98 -8.96 -28.26
N LYS G 39 -23.09 -9.69 -28.34
CA LYS G 39 -23.12 -11.18 -28.36
C LYS G 39 -23.95 -11.73 -29.55
N ALA G 40 -24.80 -10.94 -30.20
CA ALA G 40 -25.50 -11.33 -31.46
C ALA G 40 -26.26 -12.66 -31.37
N TYR G 41 -26.02 -13.64 -32.25
CA TYR G 41 -27.05 -14.65 -32.61
C TYR G 41 -26.68 -16.08 -32.13
N PHE G 42 -27.03 -16.50 -30.90
CA PHE G 42 -26.60 -17.82 -30.39
C PHE G 42 -27.74 -18.82 -30.53
N GLU G 43 -27.46 -20.07 -30.86
CA GLU G 43 -28.50 -21.13 -30.99
C GLU G 43 -28.01 -22.34 -30.18
N LYS G 44 -28.74 -22.81 -29.16
CA LYS G 44 -28.41 -24.04 -28.38
C LYS G 44 -26.97 -23.97 -27.83
N THR G 45 -26.54 -22.79 -27.37
CA THR G 45 -25.14 -22.63 -26.87
C THR G 45 -25.08 -22.92 -25.36
N HIS G 46 -23.92 -23.38 -24.88
CA HIS G 46 -23.75 -23.73 -23.44
C HIS G 46 -22.51 -23.02 -22.89
N GLU G 47 -22.67 -21.77 -22.46
CA GLU G 47 -21.53 -20.98 -21.91
C GLU G 47 -21.51 -21.10 -20.39
N GLN G 48 -20.34 -21.37 -19.79
CA GLN G 48 -20.33 -21.57 -18.31
C GLN G 48 -19.72 -20.35 -17.61
N LEU G 49 -18.53 -19.88 -17.99
CA LEU G 49 -17.87 -18.70 -17.35
C LEU G 49 -17.21 -17.87 -18.46
N THR G 50 -17.92 -16.93 -19.09
CA THR G 50 -17.42 -16.20 -20.29
C THR G 50 -17.48 -14.67 -20.08
N PRO G 51 -16.63 -14.05 -19.23
CA PRO G 51 -16.68 -12.59 -18.99
C PRO G 51 -16.23 -11.80 -20.23
N LEU G 52 -17.13 -11.02 -20.86
CA LEU G 52 -16.85 -10.10 -22.01
C LEU G 52 -16.70 -8.71 -21.37
N VAL G 53 -15.49 -8.29 -20.98
CA VAL G 53 -15.25 -7.05 -20.16
C VAL G 53 -14.52 -5.98 -20.98
N ARG G 54 -14.72 -4.67 -20.73
CA ARG G 54 -14.11 -3.56 -21.52
C ARG G 54 -14.00 -2.21 -20.80
N SER G 55 -13.09 -1.30 -21.17
CA SER G 55 -13.01 0.12 -20.67
C SER G 55 -12.89 0.22 -19.14
N ALA G 56 -11.82 -0.33 -18.54
CA ALA G 56 -11.59 -0.27 -17.07
C ALA G 56 -12.71 -0.98 -16.30
N GLY G 57 -13.54 -1.81 -16.96
CA GLY G 57 -14.55 -2.62 -16.24
C GLY G 57 -13.81 -3.70 -15.45
N THR G 58 -14.46 -4.43 -14.53
CA THR G 58 -13.83 -5.54 -13.77
C THR G 58 -14.81 -6.71 -13.58
N SER G 59 -14.29 -7.94 -13.43
CA SER G 59 -15.16 -9.11 -13.17
C SER G 59 -14.40 -10.07 -12.25
N LEU G 60 -14.67 -10.03 -10.96
CA LEU G 60 -13.94 -10.91 -10.01
C LEU G 60 -14.88 -12.02 -9.57
N VAL G 61 -14.55 -13.27 -9.90
CA VAL G 61 -15.39 -14.41 -9.47
C VAL G 61 -14.55 -15.22 -8.48
N ASN G 62 -15.02 -15.34 -7.24
CA ASN G 62 -14.33 -16.09 -6.18
C ASN G 62 -15.23 -17.29 -5.88
N PHE G 63 -14.97 -18.43 -6.52
CA PHE G 63 -15.68 -19.71 -6.25
C PHE G 63 -14.80 -20.49 -5.25
N PHE G 64 -15.30 -20.73 -4.05
CA PHE G 64 -14.54 -21.50 -3.01
C PHE G 64 -15.35 -22.74 -2.64
N SER G 65 -14.82 -23.94 -2.88
CA SER G 65 -15.58 -25.20 -2.62
C SER G 65 -16.98 -25.03 -3.22
N SER G 66 -17.08 -24.37 -4.38
CA SER G 66 -18.38 -24.04 -5.01
C SER G 66 -18.53 -24.85 -6.30
N LEU G 67 -19.50 -25.75 -6.39
CA LEU G 67 -19.75 -26.51 -7.65
C LEU G 67 -20.55 -25.59 -8.58
N MET G 68 -20.43 -25.77 -9.91
CA MET G 68 -21.20 -25.03 -10.97
C MET G 68 -21.55 -26.11 -12.01
N ASN G 69 -22.65 -26.86 -11.84
CA ASN G 69 -22.89 -28.13 -12.58
C ASN G 69 -24.03 -27.90 -13.58
N LEU G 70 -23.70 -27.87 -14.85
CA LEU G 70 -24.78 -27.79 -15.88
C LEU G 70 -24.85 -29.18 -16.51
N GLU G 71 -26.03 -29.79 -16.51
CA GLU G 71 -26.15 -31.17 -17.03
C GLU G 71 -27.33 -31.22 -18.02
N GLY H 4 2.07 22.18 -4.34
CA GLY H 4 1.94 20.90 -5.04
C GLY H 4 1.57 19.77 -4.09
N GLN H 5 2.23 18.62 -4.20
CA GLN H 5 1.88 17.45 -3.36
C GLN H 5 3.04 17.16 -2.41
N ASP H 6 2.73 17.01 -1.11
CA ASP H 6 3.78 16.75 -0.10
C ASP H 6 3.33 15.63 0.82
N MET H 7 4.00 14.47 0.79
CA MET H 7 3.68 13.36 1.72
C MET H 7 4.91 13.05 2.57
N GLN H 8 4.89 13.47 3.84
CA GLN H 8 6.01 13.16 4.78
C GLN H 8 5.37 12.47 5.98
N SER H 9 5.02 11.18 5.85
CA SER H 9 4.23 10.51 6.90
C SER H 9 4.81 9.17 7.38
N LEU H 10 4.49 8.74 8.60
CA LEU H 10 4.91 7.37 9.02
C LEU H 10 3.88 6.41 8.42
N PHE H 11 4.14 5.92 7.21
CA PHE H 11 3.13 5.10 6.48
C PHE H 11 3.40 3.59 6.56
N THR H 12 2.86 2.86 7.55
CA THR H 12 2.91 1.38 7.63
C THR H 12 1.59 0.87 7.05
N GLN H 13 1.62 -0.25 6.33
CA GLN H 13 0.39 -0.93 5.82
C GLN H 13 0.70 -2.43 5.86
N TYR H 14 0.07 -3.19 6.77
CA TYR H 14 0.28 -4.65 6.93
C TYR H 14 -0.79 -5.39 6.11
N PHE H 15 -0.47 -6.50 5.44
CA PHE H 15 -1.47 -7.36 4.75
C PHE H 15 -1.13 -8.82 5.08
N GLN H 16 -2.04 -9.63 5.62
CA GLN H 16 -1.83 -11.09 5.87
C GLN H 16 -0.47 -11.31 6.52
N SER H 17 -0.07 -10.47 7.48
CA SER H 17 1.31 -10.48 8.04
C SER H 17 1.31 -10.66 9.56
N MET H 18 2.45 -11.04 10.16
CA MET H 18 2.63 -11.19 11.63
C MET H 18 3.84 -10.32 12.00
N THR H 19 3.71 -9.34 12.91
CA THR H 19 4.83 -8.41 13.19
C THR H 19 4.96 -8.16 14.68
N GLU H 20 6.10 -8.48 15.29
CA GLU H 20 6.39 -8.15 16.72
C GLU H 20 7.39 -7.02 16.63
N TYR H 21 7.26 -5.93 17.41
CA TYR H 21 8.35 -4.90 17.39
C TYR H 21 8.34 -4.01 18.64
N GLY H 22 9.39 -3.25 18.90
CA GLY H 22 9.39 -2.29 20.04
C GLY H 22 8.97 -2.99 21.33
N LYS H 23 9.74 -4.00 21.74
CA LYS H 23 9.36 -4.78 22.95
C LYS H 23 10.54 -4.87 23.93
N ASP H 24 10.48 -4.11 25.03
CA ASP H 24 11.53 -4.19 26.08
C ASP H 24 11.12 -5.28 27.07
N LEU H 25 11.89 -6.37 27.17
CA LEU H 25 11.45 -7.50 28.03
C LEU H 25 12.51 -7.85 29.08
N VAL H 26 12.19 -7.68 30.37
CA VAL H 26 13.14 -8.14 31.45
C VAL H 26 12.63 -9.47 32.01
N GLU H 27 13.49 -10.46 32.13
CA GLU H 27 13.04 -11.70 32.82
C GLU H 27 13.53 -11.68 34.28
N LYS H 28 14.79 -11.32 34.52
CA LYS H 28 15.33 -11.34 35.92
C LYS H 28 16.11 -10.05 36.18
N ALA H 29 15.84 -9.39 37.30
CA ALA H 29 16.62 -8.17 37.63
C ALA H 29 16.95 -8.17 39.13
N LYS H 30 18.17 -7.75 39.48
CA LYS H 30 18.56 -7.66 40.90
C LYS H 30 19.57 -6.52 41.05
N THR H 31 19.29 -5.53 41.91
CA THR H 31 20.25 -4.41 42.15
C THR H 31 20.71 -3.86 40.79
N SER H 32 19.85 -3.82 39.75
CA SER H 32 20.22 -3.40 38.37
C SER H 32 19.34 -2.23 37.91
N GLU H 33 19.74 -1.41 36.94
CA GLU H 33 18.92 -0.31 36.34
C GLU H 33 18.70 -0.73 34.87
N ILE H 34 17.57 -1.35 34.48
CA ILE H 34 17.41 -1.98 33.12
C ILE H 34 16.45 -1.26 32.16
N GLN H 35 16.95 -0.68 31.05
CA GLN H 35 16.11 -0.03 29.99
C GLN H 35 15.42 1.24 30.51
N SER H 36 16.15 2.12 31.22
CA SER H 36 15.49 3.32 31.81
C SER H 36 15.72 4.58 30.98
N GLN H 37 14.68 5.10 30.31
CA GLN H 37 14.80 6.40 29.58
C GLN H 37 14.79 7.46 30.69
N ALA H 38 15.77 8.35 30.77
CA ALA H 38 15.97 9.30 31.89
C ALA H 38 16.69 10.56 31.40
N LYS H 39 16.67 11.66 32.16
CA LYS H 39 17.34 12.94 31.81
C LYS H 39 18.24 13.45 32.96
N ALA H 40 18.09 12.98 34.20
CA ALA H 40 19.03 13.28 35.33
C ALA H 40 19.26 14.78 35.56
N TYR H 41 20.50 15.29 35.56
CA TYR H 41 20.86 16.51 36.34
C TYR H 41 21.24 17.70 35.42
N PHE H 42 20.30 18.54 34.96
CA PHE H 42 20.63 19.62 34.01
C PHE H 42 20.76 20.95 34.76
N GLU H 43 21.69 21.81 34.38
CA GLU H 43 21.87 23.14 35.03
C GLU H 43 21.92 24.17 33.91
N LYS H 44 21.04 25.17 33.85
CA LYS H 44 21.08 26.29 32.87
C LYS H 44 21.13 25.75 31.43
N THR H 45 20.40 24.67 31.12
CA THR H 45 20.45 24.06 29.77
C THR H 45 19.37 24.68 28.86
N HIS H 46 19.62 24.69 27.55
CA HIS H 46 18.67 25.30 26.59
C HIS H 46 18.38 24.30 25.47
N GLU H 47 17.41 23.41 25.69
CA GLU H 47 17.05 22.38 24.67
C GLU H 47 15.86 22.88 23.84
N GLN H 48 15.94 22.76 22.51
CA GLN H 48 14.83 23.33 21.68
C GLN H 48 13.95 22.20 21.14
N LEU H 49 14.51 21.17 20.48
CA LEU H 49 13.71 20.03 19.91
C LEU H 49 14.49 18.74 20.15
N THR H 50 14.31 18.08 21.29
CA THR H 50 15.15 16.91 21.71
C THR H 50 14.28 15.68 22.03
N PRO H 51 13.62 15.00 21.06
CA PRO H 51 12.78 13.83 21.35
C PRO H 51 13.60 12.62 21.82
N LEU H 52 13.43 12.18 23.08
CA LEU H 52 14.06 10.96 23.67
C LEU H 52 12.97 9.88 23.59
N VAL H 53 12.92 9.09 22.51
CA VAL H 53 11.80 8.14 22.20
C VAL H 53 12.27 6.67 22.30
N ARG H 54 11.40 5.71 22.68
CA ARG H 54 11.80 4.28 22.86
C ARG H 54 10.64 3.26 22.75
N SER H 55 10.88 1.98 22.42
CA SER H 55 9.88 0.86 22.46
C SER H 55 8.63 1.13 21.59
N ALA H 56 8.78 1.30 20.27
CA ALA H 56 7.65 1.53 19.34
C ALA H 56 6.93 2.85 19.67
N GLY H 57 7.51 3.74 20.48
CA GLY H 57 6.92 5.07 20.73
C GLY H 57 7.02 5.89 19.44
N THR H 58 6.36 7.04 19.31
CA THR H 58 6.48 7.92 18.11
C THR H 58 6.47 9.41 18.51
N SER H 59 7.08 10.28 17.70
CA SER H 59 7.05 11.73 17.98
C SER H 59 7.04 12.46 16.64
N LEU H 60 5.86 12.90 16.20
CA LEU H 60 5.75 13.58 14.89
C LEU H 60 5.53 15.07 15.14
N VAL H 61 6.48 15.90 14.73
CA VAL H 61 6.33 17.37 14.89
C VAL H 61 6.19 17.96 13.49
N ASN H 62 5.06 18.60 13.21
CA ASN H 62 4.80 19.22 11.89
C ASN H 62 4.75 20.72 12.17
N PHE H 63 5.87 21.43 12.00
CA PHE H 63 5.94 22.91 12.11
C PHE H 63 5.82 23.46 10.68
N PHE H 64 4.76 24.21 10.39
CA PHE H 64 4.55 24.81 9.07
C PHE H 64 4.49 26.33 9.21
N SER H 65 5.43 27.06 8.59
CA SER H 65 5.47 28.55 8.76
C SER H 65 5.36 28.86 10.26
N SER H 66 5.98 28.03 11.09
CA SER H 66 5.85 28.14 12.58
C SER H 66 7.21 28.54 13.16
N LEU H 67 7.32 29.73 13.77
CA LEU H 67 8.58 30.16 14.43
C LEU H 67 8.63 29.47 15.80
N MET H 68 9.84 29.22 16.34
CA MET H 68 10.07 28.63 17.71
C MET H 68 11.27 29.44 18.25
N ASN H 69 11.04 30.61 18.87
CA ASN H 69 12.11 31.60 19.13
C ASN H 69 12.39 31.63 20.64
N LEU H 70 13.55 31.13 21.03
CA LEU H 70 13.95 31.26 22.47
C LEU H 70 15.04 32.32 22.50
N GLU H 71 14.88 33.36 23.31
CA GLU H 71 15.87 34.46 23.33
C GLU H 71 16.25 34.75 24.78
N GLY I 4 -7.52 -20.32 7.31
CA GLY I 4 -6.43 -19.35 7.46
C GLY I 4 -6.85 -17.97 6.98
N GLN I 5 -6.00 -17.30 6.20
CA GLN I 5 -6.30 -15.92 5.76
C GLN I 5 -6.51 -15.92 4.25
N ASP I 6 -7.59 -15.31 3.79
CA ASP I 6 -7.91 -15.27 2.34
C ASP I 6 -8.34 -13.87 1.95
N MET I 7 -7.54 -13.18 1.12
CA MET I 7 -7.93 -11.83 0.61
C MET I 7 -8.02 -11.88 -0.90
N GLN I 8 -9.24 -11.90 -1.44
CA GLN I 8 -9.45 -11.87 -2.92
C GLN I 8 -10.35 -10.68 -3.19
N SER I 9 -9.81 -9.46 -3.16
CA SER I 9 -10.68 -8.24 -3.24
C SER I 9 -10.24 -7.22 -4.30
N LEU I 10 -11.16 -6.38 -4.78
CA LEU I 10 -10.74 -5.29 -5.70
C LEU I 10 -10.21 -4.17 -4.79
N PHE I 11 -8.91 -4.19 -4.50
CA PHE I 11 -8.33 -3.23 -3.50
C PHE I 11 -7.63 -2.03 -4.14
N THR I 12 -8.31 -0.90 -4.40
CA THR I 12 -7.70 0.36 -4.86
C THR I 12 -7.50 1.22 -3.62
N GLN I 13 -6.40 1.98 -3.56
CA GLN I 13 -6.15 2.97 -2.47
C GLN I 13 -5.40 4.13 -3.12
N TYR I 14 -6.03 5.30 -3.27
CA TYR I 14 -5.44 6.51 -3.90
C TYR I 14 -4.85 7.38 -2.79
N PHE I 15 -3.69 8.02 -2.98
CA PHE I 15 -3.13 9.03 -2.03
C PHE I 15 -2.62 10.21 -2.85
N GLN I 16 -3.03 11.45 -2.59
CA GLN I 16 -2.51 12.69 -3.27
C GLN I 16 -2.44 12.44 -4.78
N SER I 17 -3.44 11.81 -5.38
CA SER I 17 -3.36 11.36 -6.80
C SER I 17 -4.52 11.91 -7.64
N MET I 18 -4.41 11.91 -8.97
CA MET I 18 -5.47 12.34 -9.92
C MET I 18 -5.70 11.18 -10.88
N THR I 19 -6.93 10.63 -10.99
CA THR I 19 -7.14 9.42 -11.81
C THR I 19 -8.42 9.54 -12.63
N GLU I 20 -8.34 9.48 -13.96
CA GLU I 20 -9.55 9.46 -14.84
C GLU I 20 -9.60 8.02 -15.33
N TYR I 21 -10.76 7.35 -15.36
CA TYR I 21 -10.80 5.99 -15.96
C TYR I 21 -12.21 5.55 -16.37
N GLY I 22 -12.37 4.50 -17.18
CA GLY I 22 -13.71 3.99 -17.52
C GLY I 22 -14.61 5.11 -18.03
N LYS I 23 -14.21 5.76 -19.13
CA LYS I 23 -14.99 6.92 -19.65
C LYS I 23 -15.31 6.74 -21.13
N ASP I 24 -16.56 6.40 -21.47
CA ASP I 24 -16.98 6.30 -22.89
C ASP I 24 -17.45 7.67 -23.34
N LEU I 25 -16.77 8.30 -24.29
CA LEU I 25 -17.12 9.70 -24.67
C LEU I 25 -17.43 9.81 -26.17
N VAL I 26 -18.67 10.16 -26.54
CA VAL I 26 -18.99 10.42 -27.98
C VAL I 26 -19.04 11.93 -28.19
N GLU I 27 -18.38 12.44 -29.22
CA GLU I 27 -18.55 13.89 -29.52
C GLU I 27 -19.56 14.04 -30.68
N LYS I 28 -19.45 13.25 -31.74
CA LYS I 28 -20.37 13.40 -32.90
C LYS I 28 -20.86 12.03 -33.34
N ALA I 29 -22.18 11.87 -33.53
CA ALA I 29 -22.69 10.58 -34.03
C ALA I 29 -23.77 10.82 -35.07
N LYS I 30 -23.79 10.03 -36.14
CA LYS I 30 -24.84 10.15 -37.18
C LYS I 30 -25.08 8.77 -37.79
N THR I 31 -26.32 8.28 -37.76
CA THR I 31 -26.66 6.96 -38.37
C THR I 31 -25.63 5.92 -37.89
N SER I 32 -25.12 5.99 -36.66
CA SER I 32 -24.05 5.10 -36.14
C SER I 32 -24.53 4.36 -34.89
N GLU I 33 -23.94 3.22 -34.50
CA GLU I 33 -24.25 2.47 -33.24
C GLU I 33 -22.97 2.54 -32.41
N ILE I 34 -22.79 3.46 -31.44
CA ILE I 34 -21.47 3.71 -30.77
C ILE I 34 -21.37 3.25 -29.30
N GLN I 35 -20.54 2.24 -28.98
CA GLN I 35 -20.29 1.77 -27.58
C GLN I 35 -21.52 1.11 -26.97
N SER I 36 -22.21 0.23 -27.70
CA SER I 36 -23.48 -0.35 -27.17
C SER I 36 -23.28 -1.76 -26.60
N GLN I 37 -23.36 -1.93 -25.27
CA GLN I 37 -23.30 -3.29 -24.66
C GLN I 37 -24.68 -3.90 -24.96
N ALA I 38 -24.76 -5.07 -25.58
CA ALA I 38 -26.03 -5.68 -26.07
C ALA I 38 -25.90 -7.20 -26.09
N LYS I 39 -27.02 -7.94 -26.19
CA LYS I 39 -27.06 -9.43 -26.22
C LYS I 39 -27.89 -9.96 -27.42
N ALA I 40 -28.73 -9.16 -28.06
CA ALA I 40 -29.43 -9.53 -29.34
C ALA I 40 -30.20 -10.84 -29.26
N TYR I 41 -29.96 -11.83 -30.15
CA TYR I 41 -31.00 -12.82 -30.53
C TYR I 41 -30.64 -14.25 -30.06
N PHE I 42 -31.00 -14.69 -28.83
CA PHE I 42 -30.57 -16.02 -28.34
C PHE I 42 -31.72 -17.01 -28.50
N GLU I 43 -31.45 -18.27 -28.84
CA GLU I 43 -32.50 -19.31 -28.98
C GLU I 43 -32.02 -20.52 -28.18
N LYS I 44 -32.75 -21.01 -27.18
CA LYS I 44 -32.43 -22.25 -26.41
C LYS I 44 -31.01 -22.19 -25.85
N THR I 45 -30.57 -21.03 -25.37
CA THR I 45 -29.17 -20.88 -24.87
C THR I 45 -29.11 -21.18 -23.37
N HIS I 46 -27.96 -21.65 -22.88
CA HIS I 46 -27.79 -22.02 -21.45
C HIS I 46 -26.55 -21.33 -20.89
N GLU I 47 -26.71 -20.08 -20.44
CA GLU I 47 -25.56 -19.31 -19.88
C GLU I 47 -25.54 -19.44 -18.35
N GLN I 48 -24.39 -19.73 -17.76
CA GLN I 48 -24.38 -19.95 -16.28
C GLN I 48 -23.77 -18.74 -15.57
N LEU I 49 -22.57 -18.27 -15.94
CA LEU I 49 -21.91 -17.11 -15.28
C LEU I 49 -21.23 -16.26 -16.37
N THR I 50 -21.94 -15.32 -16.99
CA THR I 50 -21.44 -14.58 -18.20
C THR I 50 -21.48 -13.05 -17.96
N PRO I 51 -20.63 -12.44 -17.10
CA PRO I 51 -20.67 -10.99 -16.85
C PRO I 51 -20.20 -10.18 -18.07
N LEU I 52 -21.10 -9.39 -18.71
CA LEU I 52 -20.80 -8.46 -19.84
C LEU I 52 -20.66 -7.08 -19.18
N VAL I 53 -19.45 -6.68 -18.79
CA VAL I 53 -19.19 -5.44 -17.94
C VAL I 53 -18.45 -4.36 -18.76
N ARG I 54 -18.65 -3.06 -18.49
CA ARG I 54 -18.02 -1.95 -19.26
C ARG I 54 -17.91 -0.60 -18.53
N SER I 55 -16.99 0.30 -18.88
CA SER I 55 -16.91 1.72 -18.36
C SER I 55 -16.79 1.80 -16.83
N ALA I 56 -15.73 1.24 -16.23
CA ALA I 56 -15.49 1.29 -14.76
C ALA I 56 -16.63 0.56 -14.01
N GLY I 57 -17.46 -0.25 -14.68
CA GLY I 57 -18.47 -1.07 -13.98
C GLY I 57 -17.75 -2.15 -13.20
N THR I 58 -18.41 -2.89 -12.28
CA THR I 58 -17.79 -4.01 -11.54
C THR I 58 -18.77 -5.18 -11.36
N SER I 59 -18.27 -6.41 -11.21
CA SER I 59 -19.15 -7.58 -10.97
C SER I 59 -18.39 -8.56 -10.07
N LEU I 60 -18.67 -8.54 -8.77
CA LEU I 60 -17.95 -9.42 -7.83
C LEU I 60 -18.90 -10.53 -7.40
N VAL I 61 -18.58 -11.77 -7.76
CA VAL I 61 -19.41 -12.93 -7.35
C VAL I 61 -18.60 -13.74 -6.36
N ASN I 62 -19.07 -13.88 -5.13
CA ASN I 62 -18.38 -14.65 -4.07
C ASN I 62 -19.30 -15.84 -3.79
N PHE I 63 -19.04 -16.98 -4.44
CA PHE I 63 -19.76 -18.26 -4.18
C PHE I 63 -18.89 -19.05 -3.19
N PHE I 64 -19.39 -19.31 -1.98
CA PHE I 64 -18.65 -20.10 -0.97
C PHE I 64 -19.47 -21.33 -0.61
N SER I 65 -18.94 -22.53 -0.86
CA SER I 65 -19.71 -23.79 -0.61
C SER I 65 -21.11 -23.60 -1.22
N SER I 66 -21.19 -22.95 -2.37
CA SER I 66 -22.49 -22.58 -3.01
C SER I 66 -22.63 -23.37 -4.31
N LEU I 67 -23.61 -24.27 -4.41
CA LEU I 67 -23.87 -25.01 -5.68
C LEU I 67 -24.66 -24.08 -6.61
N MET I 68 -24.54 -24.25 -7.94
CA MET I 68 -25.29 -23.49 -8.98
C MET I 68 -25.66 -24.55 -10.03
N ASN I 69 -26.75 -25.30 -9.88
CA ASN I 69 -27.01 -26.55 -10.63
C ASN I 69 -28.14 -26.30 -11.63
N LEU I 70 -27.81 -26.26 -12.91
CA LEU I 70 -28.88 -26.17 -13.94
C LEU I 70 -28.96 -27.55 -14.59
N GLU I 71 -30.14 -28.15 -14.61
CA GLU I 71 -30.28 -29.53 -15.13
C GLU I 71 -31.43 -29.56 -16.13
N GLY J 4 -1.74 23.49 -1.73
CA GLY J 4 -1.87 22.21 -2.45
C GLY J 4 -2.25 21.08 -1.50
N GLN J 5 -1.59 19.93 -1.62
CA GLN J 5 -1.96 18.74 -0.80
C GLN J 5 -0.81 18.44 0.16
N ASP J 6 -1.11 18.27 1.44
CA ASP J 6 -0.07 17.99 2.45
C ASP J 6 -0.55 16.86 3.37
N MET J 7 0.12 15.71 3.33
CA MET J 7 -0.21 14.58 4.24
C MET J 7 1.01 14.25 5.09
N GLN J 8 1.00 14.66 6.36
CA GLN J 8 2.11 14.33 7.31
C GLN J 8 1.46 13.63 8.49
N SER J 9 1.10 12.35 8.34
CA SER J 9 0.30 11.67 9.40
C SER J 9 0.87 10.32 9.84
N LEU J 10 0.55 9.88 11.06
CA LEU J 10 0.96 8.50 11.47
C LEU J 10 -0.07 7.55 10.86
N PHE J 11 0.19 7.07 9.64
CA PHE J 11 -0.83 6.27 8.90
C PHE J 11 -0.58 4.76 8.97
N THR J 12 -1.13 4.03 9.94
CA THR J 12 -1.08 2.55 10.00
C THR J 12 -2.40 2.05 9.41
N GLN J 13 -2.37 0.94 8.68
CA GLN J 13 -3.60 0.27 8.16
C GLN J 13 -3.31 -1.23 8.19
N TYR J 14 -3.94 -1.99 9.08
CA TYR J 14 -3.74 -3.46 9.22
C TYR J 14 -4.82 -4.18 8.39
N PHE J 15 -4.51 -5.29 7.71
CA PHE J 15 -5.51 -6.14 7.01
C PHE J 15 -5.18 -7.60 7.32
N GLN J 16 -6.09 -8.41 7.85
CA GLN J 16 -5.89 -9.88 8.08
C GLN J 16 -4.53 -10.10 8.74
N SER J 17 -4.14 -9.28 9.71
CA SER J 17 -2.75 -9.31 10.27
C SER J 17 -2.76 -9.50 11.79
N MET J 18 -1.63 -9.91 12.39
CA MET J 18 -1.46 -10.07 13.86
C MET J 18 -0.24 -9.22 14.25
N THR J 19 -0.37 -8.24 15.16
CA THR J 19 0.76 -7.32 15.46
C THR J 19 0.88 -7.09 16.96
N GLU J 20 2.02 -7.43 17.56
CA GLU J 20 2.29 -7.12 18.99
C GLU J 20 3.30 -5.99 18.93
N TYR J 21 3.19 -4.91 19.70
CA TYR J 21 4.27 -3.88 19.71
C TYR J 21 4.27 -3.00 20.96
N GLY J 22 5.33 -2.25 21.25
CA GLY J 22 5.33 -1.32 22.39
C GLY J 22 4.91 -2.02 23.67
N LYS J 23 5.67 -3.05 24.08
CA LYS J 23 5.27 -3.84 25.28
C LYS J 23 6.45 -3.94 26.27
N ASP J 24 6.40 -3.19 27.37
CA ASP J 24 7.44 -3.30 28.42
C ASP J 24 7.02 -4.40 29.40
N LEU J 25 7.78 -5.49 29.50
CA LEU J 25 7.33 -6.63 30.33
C LEU J 25 8.38 -7.00 31.39
N VAL J 26 8.06 -6.84 32.68
CA VAL J 26 8.99 -7.31 33.75
C VAL J 26 8.47 -8.65 34.29
N GLU J 27 9.33 -9.66 34.42
CA GLU J 27 8.87 -10.89 35.08
C GLU J 27 9.36 -10.90 36.54
N LYS J 28 10.62 -10.55 36.80
CA LYS J 28 11.15 -10.59 38.19
C LYS J 28 11.93 -9.30 38.47
N ALA J 29 11.66 -8.65 39.60
CA ALA J 29 12.45 -7.44 39.95
C ALA J 29 12.78 -7.46 41.43
N LYS J 30 13.99 -7.06 41.80
CA LYS J 30 14.39 -6.99 43.23
C LYS J 30 15.40 -5.86 43.39
N THR J 31 15.13 -4.88 44.25
CA THR J 31 16.09 -3.76 44.52
C THR J 31 16.56 -3.20 43.17
N SER J 32 15.70 -3.15 42.12
CA SER J 32 16.09 -2.70 40.75
C SER J 32 15.21 -1.53 40.31
N GLU J 33 15.63 -0.71 39.34
CA GLU J 33 14.82 0.41 38.75
C GLU J 33 14.59 0.01 37.28
N ILE J 34 13.46 -0.60 36.88
CA ILE J 34 13.31 -1.21 35.51
C ILE J 34 12.34 -0.47 34.55
N GLN J 35 12.86 0.11 33.46
CA GLN J 35 12.02 0.78 32.40
C GLN J 35 11.36 2.06 32.92
N SER J 36 12.07 2.92 33.64
CA SER J 36 11.42 4.10 34.26
C SER J 36 11.66 5.39 33.43
N GLN J 37 10.63 5.92 32.77
CA GLN J 37 10.76 7.24 32.06
C GLN J 37 10.76 8.28 33.18
N ALA J 38 11.75 9.16 33.27
CA ALA J 38 11.94 10.10 34.41
C ALA J 38 12.68 11.35 33.93
N LYS J 39 12.66 12.45 34.70
CA LYS J 39 13.34 13.73 34.37
C LYS J 39 14.24 14.23 35.53
N ALA J 40 14.08 13.73 36.76
CA ALA J 40 15.02 14.02 37.89
C ALA J 40 15.26 15.51 38.15
N TYR J 41 16.50 16.01 38.16
CA TYR J 41 16.87 17.22 38.96
C TYR J 41 17.26 18.42 38.05
N PHE J 42 16.32 19.27 37.60
CA PHE J 42 16.66 20.36 36.66
C PHE J 42 16.80 21.67 37.43
N GLU J 43 17.74 22.54 37.06
CA GLU J 43 17.92 23.86 37.72
C GLU J 43 17.99 24.90 36.60
N LYS J 44 17.12 25.91 36.57
CA LYS J 44 17.16 27.04 35.59
C LYS J 44 17.22 26.51 34.15
N THR J 45 16.48 25.44 33.83
CA THR J 45 16.52 24.85 32.47
C THR J 45 15.46 25.49 31.57
N HIS J 46 15.71 25.51 30.25
CA HIS J 46 14.78 26.14 29.29
C HIS J 46 14.48 25.15 28.16
N GLU J 47 13.50 24.27 28.37
CA GLU J 47 13.14 23.26 27.34
C GLU J 47 11.96 23.77 26.50
N GLN J 48 12.04 23.67 25.18
CA GLN J 48 10.94 24.25 24.35
C GLN J 48 10.05 23.13 23.79
N LEU J 49 10.60 22.10 23.13
CA LEU J 49 9.79 20.98 22.54
C LEU J 49 10.56 19.68 22.77
N THR J 50 10.38 19.00 23.91
CA THR J 50 11.22 17.83 24.31
C THR J 50 10.33 16.60 24.62
N PRO J 51 9.68 15.94 23.63
CA PRO J 51 8.82 14.78 23.90
C PRO J 51 9.62 13.54 24.36
N LEU J 52 9.45 13.10 25.62
CA LEU J 52 10.07 11.87 26.20
C LEU J 52 8.98 10.79 26.09
N VAL J 53 8.94 10.01 25.01
CA VAL J 53 7.80 9.07 24.67
C VAL J 53 8.26 7.60 24.78
N ARG J 54 7.39 6.64 25.13
CA ARG J 54 7.76 5.20 25.30
C ARG J 54 6.61 4.20 25.17
N SER J 55 6.84 2.93 24.82
CA SER J 55 5.82 1.81 24.86
C SER J 55 4.58 2.09 23.99
N ALA J 56 4.75 2.27 22.66
CA ALA J 56 3.61 2.53 21.73
C ALA J 56 2.90 3.84 22.07
N GLY J 57 3.49 4.72 22.90
CA GLY J 57 2.91 6.06 23.15
C GLY J 57 3.02 6.88 21.88
N THR J 58 2.36 8.05 21.76
CA THR J 58 2.49 8.94 20.58
C THR J 58 2.50 10.42 20.99
N SER J 59 3.11 11.29 20.20
CA SER J 59 3.10 12.75 20.49
C SER J 59 3.08 13.50 19.16
N LEU J 60 1.92 13.95 18.72
CA LEU J 60 1.82 14.64 17.42
C LEU J 60 1.60 16.13 17.68
N VAL J 61 2.57 16.95 17.29
CA VAL J 61 2.43 18.43 17.46
C VAL J 61 2.29 19.03 16.07
N ASN J 62 1.18 19.68 15.79
CA ASN J 62 0.91 20.33 14.49
C ASN J 62 0.87 21.82 14.78
N PHE J 63 2.00 22.52 14.63
CA PHE J 63 2.08 24.00 14.74
C PHE J 63 1.97 24.57 13.33
N PHE J 64 0.91 25.32 13.04
CA PHE J 64 0.72 25.95 11.71
C PHE J 64 0.66 27.46 11.87
N SER J 65 1.60 28.19 11.27
CA SER J 65 1.66 29.68 11.45
C SER J 65 1.55 29.97 12.95
N SER J 66 2.16 29.13 13.80
CA SER J 66 2.02 29.22 15.27
C SER J 66 3.38 29.61 15.86
N LEU J 67 3.50 30.79 16.49
CA LEU J 67 4.76 31.19 17.15
C LEU J 67 4.80 30.50 18.52
N MET J 68 6.00 30.24 19.07
CA MET J 68 6.23 29.63 20.43
C MET J 68 7.43 30.43 20.98
N ASN J 69 7.21 31.59 21.61
CA ASN J 69 8.29 32.57 21.89
C ASN J 69 8.57 32.58 23.39
N LEU J 70 9.71 32.07 23.79
CA LEU J 70 10.10 32.18 25.22
C LEU J 70 11.21 33.22 25.28
N GLU J 71 11.04 34.25 26.10
CA GLU J 71 12.04 35.35 26.13
C GLU J 71 12.43 35.62 27.58
N GLY K 4 -11.66 -19.08 9.41
CA GLY K 4 -10.56 -18.12 9.56
C GLY K 4 -10.96 -16.74 9.10
N GLN K 5 -10.10 -16.06 8.33
CA GLN K 5 -10.39 -14.67 7.90
C GLN K 5 -10.60 -14.65 6.39
N ASP K 6 -11.69 -14.03 5.94
CA ASP K 6 -11.99 -13.98 4.48
C ASP K 6 -12.41 -12.56 4.10
N MET K 7 -11.61 -11.87 3.29
CA MET K 7 -11.98 -10.51 2.80
C MET K 7 -12.06 -10.54 1.27
N GLN K 8 -13.28 -10.55 0.73
CA GLN K 8 -13.48 -10.50 -0.74
C GLN K 8 -14.39 -9.29 -1.01
N SER K 9 -13.83 -8.08 -0.96
CA SER K 9 -14.68 -6.87 -1.02
C SER K 9 -14.24 -5.84 -2.08
N LEU K 10 -15.15 -4.98 -2.55
CA LEU K 10 -14.72 -3.88 -3.45
C LEU K 10 -14.19 -2.78 -2.53
N PHE K 11 -12.89 -2.80 -2.23
CA PHE K 11 -12.32 -1.86 -1.22
C PHE K 11 -11.60 -0.65 -1.86
N THR K 12 -12.27 0.47 -2.09
CA THR K 12 -11.64 1.74 -2.54
C THR K 12 -11.45 2.59 -1.28
N GLN K 13 -10.35 3.34 -1.21
CA GLN K 13 -10.09 4.31 -0.11
C GLN K 13 -9.34 5.47 -0.74
N TYR K 14 -9.96 6.64 -0.88
CA TYR K 14 -9.34 7.86 -1.49
C TYR K 14 -8.75 8.72 -0.37
N PHE K 15 -7.59 9.36 -0.55
CA PHE K 15 -7.03 10.34 0.41
C PHE K 15 -6.50 11.53 -0.39
N GLN K 16 -6.91 12.78 -0.13
CA GLN K 16 -6.39 14.00 -0.78
C GLN K 16 -6.30 13.78 -2.30
N SER K 17 -7.31 13.16 -2.91
CA SER K 17 -7.22 12.73 -4.33
C SER K 17 -8.38 13.30 -5.17
N MET K 18 -8.26 13.31 -6.50
CA MET K 18 -9.32 13.77 -7.44
C MET K 18 -9.56 12.61 -8.43
N THR K 19 -10.78 12.07 -8.55
CA THR K 19 -11.01 10.87 -9.38
C THR K 19 -12.28 11.01 -10.21
N GLU K 20 -12.20 10.97 -11.53
CA GLU K 20 -13.39 10.97 -12.42
C GLU K 20 -13.46 9.53 -12.92
N TYR K 21 -14.62 8.86 -12.96
CA TYR K 21 -14.67 7.51 -13.58
C TYR K 21 -16.08 7.09 -14.01
N GLY K 22 -16.24 6.05 -14.82
CA GLY K 22 -17.60 5.56 -15.17
C GLY K 22 -18.47 6.69 -15.67
N LYS K 23 -18.08 7.35 -16.76
CA LYS K 23 -18.84 8.52 -17.26
C LYS K 23 -19.15 8.36 -18.76
N ASP K 24 -20.41 8.03 -19.10
CA ASP K 24 -20.81 7.94 -20.53
C ASP K 24 -21.29 9.33 -20.96
N LEU K 25 -20.59 9.97 -21.91
CA LEU K 25 -20.93 11.37 -22.27
C LEU K 25 -21.23 11.51 -23.77
N VAL K 26 -22.47 11.85 -24.13
CA VAL K 26 -22.78 12.14 -25.57
C VAL K 26 -22.83 13.65 -25.77
N GLU K 27 -22.15 14.18 -26.79
CA GLU K 27 -22.32 15.62 -27.07
C GLU K 27 -23.32 15.79 -28.23
N LYS K 28 -23.21 15.01 -29.31
CA LYS K 28 -24.13 15.19 -30.47
C LYS K 28 -24.63 13.82 -30.92
N ALA K 29 -25.94 13.67 -31.13
CA ALA K 29 -26.46 12.38 -31.64
C ALA K 29 -27.54 12.67 -32.68
N LYS K 30 -27.55 11.87 -33.76
CA LYS K 30 -28.61 12.03 -34.81
C LYS K 30 -28.85 10.65 -35.43
N THR K 31 -30.10 10.17 -35.40
CA THR K 31 -30.44 8.86 -36.04
C THR K 31 -29.41 7.80 -35.57
N SER K 32 -28.91 7.85 -34.33
CA SER K 32 -27.84 6.94 -33.81
C SER K 32 -28.35 6.19 -32.57
N GLU K 33 -27.77 5.05 -32.19
CA GLU K 33 -28.08 4.28 -30.95
C GLU K 33 -26.80 4.33 -30.11
N ILE K 34 -26.62 5.25 -29.13
CA ILE K 34 -25.30 5.48 -28.45
C ILE K 34 -25.21 5.00 -26.98
N GLN K 35 -24.38 3.99 -26.68
CA GLN K 35 -24.14 3.50 -25.29
C GLN K 35 -25.38 2.83 -24.69
N SER K 36 -26.08 1.97 -25.42
CA SER K 36 -27.36 1.40 -24.91
C SER K 36 -27.16 -0.03 -24.36
N GLN K 37 -27.24 -0.21 -23.03
CA GLN K 37 -27.20 -1.58 -22.44
C GLN K 37 -28.58 -2.18 -22.74
N ALA K 38 -28.68 -3.34 -23.37
CA ALA K 38 -29.94 -3.93 -23.88
C ALA K 38 -29.82 -5.46 -23.91
N LYS K 39 -30.95 -6.18 -24.02
CA LYS K 39 -31.00 -7.67 -24.08
C LYS K 39 -31.82 -8.18 -25.28
N ALA K 40 -32.66 -7.37 -25.92
CA ALA K 40 -33.35 -7.71 -27.20
C ALA K 40 -34.13 -9.04 -27.15
N TYR K 41 -33.90 -10.00 -28.04
CA TYR K 41 -34.95 -10.99 -28.44
C TYR K 41 -34.60 -12.43 -27.99
N PHE K 42 -34.96 -12.87 -26.77
CA PHE K 42 -34.54 -14.21 -26.29
C PHE K 42 -35.71 -15.19 -26.46
N GLU K 43 -35.44 -16.44 -26.81
CA GLU K 43 -36.49 -17.48 -26.98
C GLU K 43 -36.03 -18.71 -26.18
N LYS K 44 -36.77 -19.20 -25.19
CA LYS K 44 -36.46 -20.45 -24.44
C LYS K 44 -35.03 -20.41 -23.87
N THR K 45 -34.58 -19.25 -23.37
CA THR K 45 -33.18 -19.13 -22.86
C THR K 45 -33.14 -19.45 -21.36
N HIS K 46 -31.99 -19.93 -20.89
CA HIS K 46 -31.83 -20.31 -19.46
C HIS K 46 -30.59 -19.64 -18.88
N GLU K 47 -30.73 -18.40 -18.42
CA GLU K 47 -29.59 -17.64 -17.85
C GLU K 47 -29.58 -17.78 -16.32
N GLN K 48 -28.42 -18.08 -15.72
CA GLN K 48 -28.43 -18.33 -14.25
C GLN K 48 -27.80 -17.13 -13.52
N LEU K 49 -26.60 -16.66 -13.89
CA LEU K 49 -25.93 -15.51 -13.21
C LEU K 49 -25.25 -14.66 -14.29
N THR K 50 -25.94 -13.71 -14.90
CA THR K 50 -25.43 -12.94 -16.09
C THR K 50 -25.47 -11.42 -15.84
N PRO K 51 -24.62 -10.83 -14.97
CA PRO K 51 -24.65 -9.38 -14.70
C PRO K 51 -24.17 -8.56 -15.92
N LEU K 52 -25.07 -7.76 -16.53
CA LEU K 52 -24.75 -6.82 -17.65
C LEU K 52 -24.60 -5.45 -16.98
N VAL K 53 -23.39 -5.05 -16.59
CA VAL K 53 -23.13 -3.84 -15.73
C VAL K 53 -22.39 -2.75 -16.53
N ARG K 54 -22.58 -1.45 -16.25
CA ARG K 54 -21.93 -0.33 -17.00
C ARG K 54 -21.82 1.00 -16.24
N SER K 55 -20.89 1.91 -16.59
CA SER K 55 -20.79 3.31 -16.06
C SER K 55 -20.69 3.37 -14.52
N ALA K 56 -19.63 2.81 -13.93
CA ALA K 56 -19.41 2.83 -12.45
C ALA K 56 -20.54 2.10 -11.71
N GLY K 57 -21.38 1.31 -12.40
CA GLY K 57 -22.40 0.49 -11.71
C GLY K 57 -21.69 -0.61 -10.93
N THR K 58 -22.35 -1.35 -10.04
CA THR K 58 -21.73 -2.49 -9.29
C THR K 58 -22.74 -3.65 -9.14
N SER K 59 -22.24 -4.89 -9.01
CA SER K 59 -23.13 -6.05 -8.77
C SER K 59 -22.39 -7.05 -7.89
N LEU K 60 -22.67 -7.04 -6.60
CA LEU K 60 -21.95 -7.94 -5.66
C LEU K 60 -22.92 -9.04 -5.24
N VAL K 61 -22.59 -10.29 -5.61
CA VAL K 61 -23.45 -11.44 -5.21
C VAL K 61 -22.63 -12.27 -4.23
N ASN K 62 -23.12 -12.41 -3.00
CA ASN K 62 -22.43 -13.20 -1.95
C ASN K 62 -23.36 -14.39 -1.69
N PHE K 63 -23.11 -15.53 -2.35
CA PHE K 63 -23.84 -16.80 -2.12
C PHE K 63 -22.98 -17.62 -1.13
N PHE K 64 -23.48 -17.88 0.07
CA PHE K 64 -22.75 -18.68 1.08
C PHE K 64 -23.58 -19.91 1.41
N SER K 65 -23.06 -21.12 1.16
CA SER K 65 -23.85 -22.37 1.39
C SER K 65 -25.24 -22.18 0.79
N SER K 66 -25.32 -21.49 -0.36
CA SER K 66 -26.61 -21.12 -0.99
C SER K 66 -26.75 -21.89 -2.31
N LEU K 67 -27.74 -22.79 -2.43
CA LEU K 67 -27.99 -23.51 -3.71
C LEU K 67 -28.77 -22.56 -4.62
N MET K 68 -28.64 -22.72 -5.95
CA MET K 68 -29.40 -21.94 -7.00
C MET K 68 -29.75 -23.00 -8.06
N ASN K 69 -30.86 -23.73 -7.91
CA ASN K 69 -31.11 -24.97 -8.68
C ASN K 69 -32.25 -24.70 -9.69
N LEU K 70 -31.90 -24.65 -10.97
CA LEU K 70 -32.97 -24.54 -11.99
C LEU K 70 -33.06 -25.91 -12.66
N GLU K 71 -34.25 -26.50 -12.68
CA GLU K 71 -34.39 -27.88 -13.24
C GLU K 71 -35.55 -27.88 -14.24
N GLY L 4 -5.54 24.79 0.89
CA GLY L 4 -5.68 23.52 0.15
C GLY L 4 -6.07 22.38 1.08
N GLN L 5 -5.43 21.22 0.95
CA GLN L 5 -5.80 20.04 1.75
C GLN L 5 -4.65 19.71 2.71
N ASP L 6 -4.97 19.53 4.00
CA ASP L 6 -3.94 19.24 5.01
C ASP L 6 -4.41 18.10 5.92
N MET L 7 -3.75 16.93 5.86
CA MET L 7 -4.10 15.80 6.76
C MET L 7 -2.88 15.45 7.61
N GLN L 8 -2.90 15.85 8.88
CA GLN L 8 -1.78 15.50 9.83
C GLN L 8 -2.45 14.79 11.00
N SER L 9 -2.81 13.52 10.84
CA SER L 9 -3.63 12.83 11.88
C SER L 9 -3.06 11.47 12.32
N LEU L 10 -3.39 11.02 13.53
CA LEU L 10 -3.00 9.64 13.92
C LEU L 10 -4.03 8.70 13.29
N PHE L 11 -3.77 8.23 12.07
CA PHE L 11 -4.80 7.44 11.32
C PHE L 11 -4.55 5.92 11.36
N THR L 12 -5.11 5.19 12.33
CA THR L 12 -5.06 3.71 12.38
C THR L 12 -6.39 3.23 11.78
N GLN L 13 -6.37 2.12 11.03
CA GLN L 13 -7.60 1.48 10.50
C GLN L 13 -7.32 -0.03 10.51
N TYR L 14 -7.96 -0.80 11.39
CA TYR L 14 -7.78 -2.27 11.51
C TYR L 14 -8.85 -2.97 10.67
N PHE L 15 -8.54 -4.07 9.98
CA PHE L 15 -9.55 -4.91 9.26
C PHE L 15 -9.23 -6.38 9.56
N GLN L 16 -10.16 -7.19 10.08
CA GLN L 16 -9.97 -8.66 10.30
C GLN L 16 -8.61 -8.90 10.96
N SER L 17 -8.21 -8.09 11.94
CA SER L 17 -6.83 -8.14 12.50
C SER L 17 -6.84 -8.34 14.02
N MET L 18 -5.72 -8.77 14.62
CA MET L 18 -5.55 -8.94 16.08
C MET L 18 -4.33 -8.11 16.49
N THR L 19 -4.46 -7.14 17.42
CA THR L 19 -3.32 -6.24 17.72
C THR L 19 -3.20 -6.02 19.23
N GLU L 20 -2.07 -6.37 19.83
CA GLU L 20 -1.79 -6.09 21.27
C GLU L 20 -0.77 -4.96 21.22
N TYR L 21 -0.89 -3.88 22.01
CA TYR L 21 0.21 -2.87 22.03
C TYR L 21 0.20 -2.00 23.30
N GLY L 22 1.27 -1.26 23.58
CA GLY L 22 1.26 -0.34 24.75
C GLY L 22 0.83 -1.05 26.02
N LYS L 23 1.58 -2.09 26.41
CA LYS L 23 1.18 -2.89 27.60
C LYS L 23 2.35 -3.02 28.58
N ASP L 24 2.30 -2.28 29.70
CA ASP L 24 3.34 -2.40 30.76
C ASP L 24 2.91 -3.51 31.73
N LEU L 25 3.66 -4.61 31.80
CA LEU L 25 3.19 -5.76 32.63
C LEU L 25 4.25 -6.15 33.68
N VAL L 26 3.92 -6.00 34.98
CA VAL L 26 4.85 -6.49 36.04
C VAL L 26 4.32 -7.82 36.57
N GLU L 27 5.17 -8.84 36.68
CA GLU L 27 4.69 -10.09 37.33
C GLU L 27 5.18 -10.10 38.80
N LYS L 28 6.44 -9.77 39.06
CA LYS L 28 6.96 -9.84 40.45
C LYS L 28 7.76 -8.55 40.75
N ALA L 29 7.49 -7.91 41.89
CA ALA L 29 8.28 -6.71 42.25
C ALA L 29 8.60 -6.76 43.74
N LYS L 30 9.82 -6.36 44.11
CA LYS L 30 10.20 -6.31 45.54
C LYS L 30 11.23 -5.19 45.71
N THR L 31 10.96 -4.22 46.60
CA THR L 31 11.93 -3.12 46.88
C THR L 31 12.40 -2.53 45.53
N SER L 32 11.56 -2.47 44.49
CA SER L 32 11.94 -2.01 43.12
C SER L 32 11.08 -0.82 42.69
N GLU L 33 11.50 0.01 41.73
CA GLU L 33 10.70 1.14 41.15
C GLU L 33 10.48 0.76 39.69
N ILE L 34 9.35 0.15 39.27
CA ILE L 34 9.19 -0.44 37.89
C ILE L 34 8.24 0.32 36.93
N GLN L 35 8.76 0.91 35.86
CA GLN L 35 7.94 1.60 34.80
C GLN L 35 7.27 2.87 35.33
N SER L 36 8.00 3.72 36.07
CA SER L 36 7.35 4.91 36.69
C SER L 36 7.60 6.20 35.89
N GLN L 37 6.57 6.74 35.22
CA GLN L 37 6.72 8.06 34.53
C GLN L 37 6.72 9.10 35.66
N ALA L 38 7.71 9.97 35.77
CA ALA L 38 7.91 10.89 36.92
C ALA L 38 8.66 12.15 36.45
N LYS L 39 8.65 13.23 37.24
CA LYS L 39 9.33 14.51 36.92
C LYS L 39 10.23 14.99 38.08
N ALA L 40 10.07 14.49 39.32
CA ALA L 40 11.00 14.75 40.45
C ALA L 40 11.25 16.24 40.73
N TYR L 41 12.50 16.73 40.75
CA TYR L 41 12.87 17.93 41.56
C TYR L 41 13.26 19.13 40.68
N PHE L 42 12.34 20.00 40.22
CA PHE L 42 12.70 21.09 39.30
C PHE L 42 12.84 22.39 40.09
N GLU L 43 13.78 23.26 39.73
CA GLU L 43 13.96 24.57 40.41
C GLU L 43 14.05 25.62 39.31
N LYS L 44 13.18 26.64 39.27
CA LYS L 44 13.25 27.78 38.31
C LYS L 44 13.30 27.27 36.87
N THR L 45 12.55 26.22 36.54
CA THR L 45 12.60 25.63 35.16
C THR L 45 11.55 26.28 34.26
N HIS L 46 11.80 26.32 32.96
CA HIS L 46 10.87 26.97 31.99
C HIS L 46 10.57 26.00 30.85
N GLU L 47 9.59 25.12 31.05
CA GLU L 47 9.22 24.12 30.00
C GLU L 47 8.05 24.65 29.18
N GLN L 48 8.14 24.55 27.84
CA GLN L 48 7.04 25.16 27.02
C GLN L 48 6.15 24.06 26.44
N LEU L 49 6.69 23.04 25.77
CA LEU L 49 5.89 21.92 25.16
C LEU L 49 6.64 20.62 25.38
N THR L 50 6.45 19.93 26.52
CA THR L 50 7.27 18.74 26.90
C THR L 50 6.38 17.51 27.19
N PRO L 51 5.73 16.87 26.20
CA PRO L 51 4.87 15.71 26.45
C PRO L 51 5.66 14.47 26.89
N LEU L 52 5.47 14.00 28.16
CA LEU L 52 6.08 12.76 28.72
C LEU L 52 4.98 11.70 28.60
N VAL L 53 4.94 10.94 27.50
CA VAL L 53 3.79 10.00 27.16
C VAL L 53 4.26 8.53 27.24
N ARG L 54 3.36 7.57 27.58
CA ARG L 54 3.74 6.13 27.73
C ARG L 54 2.56 5.13 27.59
N SER L 55 2.80 3.86 27.23
CA SER L 55 1.78 2.75 27.24
C SER L 55 0.54 3.06 26.37
N ALA L 56 0.71 3.25 25.06
CA ALA L 56 -0.42 3.52 24.12
C ALA L 56 -1.12 4.84 24.48
N GLY L 57 -0.53 5.71 25.31
CA GLY L 57 -1.11 7.04 25.58
C GLY L 57 -0.99 7.88 24.32
N THR L 58 -1.64 9.05 24.21
CA THR L 58 -1.50 9.95 23.04
C THR L 58 -1.49 11.43 23.47
N SER L 59 -0.86 12.31 22.69
CA SER L 59 -0.87 13.76 22.99
C SER L 59 -0.86 14.53 21.67
N LEU L 60 -2.03 14.99 21.24
CA LEU L 60 -2.12 15.70 19.93
C LEU L 60 -2.32 17.18 20.22
N VAL L 61 -1.36 18.01 19.84
CA VAL L 61 -1.49 19.47 20.03
C VAL L 61 -1.61 20.10 18.65
N ASN L 62 -2.72 20.76 18.37
CA ASN L 62 -2.97 21.42 17.07
C ASN L 62 -3.02 22.91 17.38
N PHE L 63 -1.87 23.61 17.23
CA PHE L 63 -1.78 25.09 17.38
C PHE L 63 -1.88 25.67 15.96
N PHE L 64 -2.94 26.44 15.69
CA PHE L 64 -3.12 27.07 14.36
C PHE L 64 -3.17 28.58 14.55
N SER L 65 -2.23 29.32 13.95
CA SER L 65 -2.15 30.80 14.15
C SER L 65 -2.27 31.07 15.65
N SER L 66 -1.67 30.22 16.48
CA SER L 66 -1.81 30.30 17.96
C SER L 66 -0.45 30.67 18.56
N LEU L 67 -0.32 31.84 19.20
CA LEU L 67 0.94 32.23 19.88
C LEU L 67 0.97 31.51 21.23
N MET L 68 2.17 31.24 21.78
CA MET L 68 2.38 30.62 23.13
C MET L 68 3.59 31.40 23.70
N ASN L 69 3.37 32.56 24.35
CA ASN L 69 4.45 33.53 24.64
C ASN L 69 4.72 33.52 26.15
N LEU L 70 5.87 32.99 26.54
CA LEU L 70 6.26 33.08 27.98
C LEU L 70 7.37 34.13 28.05
N GLU L 71 7.21 35.15 28.88
CA GLU L 71 8.21 36.24 28.93
C GLU L 71 8.59 36.49 30.39
#